data_8K7E
#
_entry.id   8K7E
#
_cell.length_a   90.370
_cell.length_b   90.370
_cell.length_c   216.423
_cell.angle_alpha   90.000
_cell.angle_beta   90.000
_cell.angle_gamma   120.000
#
_symmetry.space_group_name_H-M   'P 32 2 1'
#
loop_
_entity.id
_entity.type
_entity.pdbx_description
1 polymer 'Alpha-galactosidase A'
2 branched 2-acetamido-2-deoxy-beta-D-glucopyranose-(1-4)-2-acetamido-2-deoxy-beta-D-glucopyranose
3 branched alpha-D-mannopyranose-(1-3)-beta-D-mannopyranose-(1-4)-2-acetamido-2-deoxy-beta-D-glucopyranose-(1-4)-2-acetamido-2-deoxy-beta-D-glucopyranose
4 non-polymer 2-acetamido-2-deoxy-beta-D-glucopyranose
5 non-polymer (2~{R},3~{R},4~{S},5~{R})-2-(aminomethyl)-5-(hydroxymethyl)pyrrolidine-3,4-diol
6 non-polymer 'SULFATE ION'
7 water water
#
_entity_poly.entity_id   1
_entity_poly.type   'polypeptide(L)'
_entity_poly.pdbx_seq_one_letter_code
;LDNGLARTPTMGWLHWERFMCNLDCQEEPDSCISEKLFMEMAELMVSEGWKDAGYEYLCIDDCWMAPQRDSEGRLQADPQ
RFPHGIRQLANYVHSKGLKLGIYADVGNKTCAGFPGSFGYYDIDAQTFADWGVDLLKFDGCYCDSLENLADGYKHMSLAL
NRTGRSIVYSCEWPLYMWPFQKPNYTEIRQYCNHWRNFADIDDSWKSIKSILDWTSFNQERIVDVAGPGGWNDPDMLVIG
NFGLSWNQQVTQMALWAIMAAPLFMSNDLRHISPQAKALLQDKDVIAINQDPLGKQGYQLRQGDNFEVWERPLSGLAWAV
AMINRQEIGGPRSYTIAVASLGKGVACNPACFITQLLPVKRKLGFYEWTSRLRSHINPTGTVLLQLENTMQMSLKDLL
;
_entity_poly.pdbx_strand_id   A,B
#
# COMPACT_ATOMS: atom_id res chain seq x y z
N LEU A 1 20.92 19.62 20.88
CA LEU A 1 22.21 19.31 21.50
C LEU A 1 23.30 20.10 20.80
N ASP A 2 24.00 20.93 21.57
CA ASP A 2 25.01 21.82 21.00
C ASP A 2 26.40 21.16 20.98
N ASN A 3 26.47 20.01 20.31
CA ASN A 3 27.74 19.32 20.15
C ASN A 3 28.36 19.55 18.78
N GLY A 4 27.84 20.51 18.00
CA GLY A 4 28.33 20.73 16.65
C GLY A 4 27.93 19.70 15.63
N LEU A 5 27.13 18.70 16.00
CA LEU A 5 26.70 17.66 15.08
C LEU A 5 25.24 17.86 14.68
N ALA A 6 24.85 17.10 13.65
CA ALA A 6 23.47 17.10 13.17
C ALA A 6 23.01 18.52 12.87
N ARG A 7 23.90 19.30 12.25
CA ARG A 7 23.52 20.65 11.82
C ARG A 7 22.49 20.60 10.70
N THR A 8 22.44 19.50 9.95
CA THR A 8 21.31 19.13 9.13
C THR A 8 20.83 17.78 9.63
N PRO A 9 19.59 17.38 9.33
CA PRO A 9 19.11 16.07 9.78
C PRO A 9 20.06 14.96 9.36
N THR A 10 20.40 14.10 10.33
CA THR A 10 21.27 12.97 10.05
C THR A 10 20.71 12.09 8.93
N MET A 11 21.59 11.64 8.05
CA MET A 11 21.22 10.74 6.96
C MET A 11 22.04 9.46 7.05
N GLY A 12 21.38 8.33 6.84
CA GLY A 12 22.05 7.04 6.88
C GLY A 12 21.13 5.85 6.72
N TRP A 13 21.54 4.72 7.30
CA TRP A 13 20.85 3.45 7.16
C TRP A 13 20.81 2.77 8.53
N LEU A 14 19.64 2.22 8.87
CA LEU A 14 19.40 1.58 10.17
C LEU A 14 18.68 0.27 9.90
N HIS A 15 19.11 -0.81 10.55
CA HIS A 15 18.65 -2.14 10.13
C HIS A 15 17.27 -2.51 10.65
N TRP A 16 16.72 -1.81 11.64
CA TRP A 16 15.65 -2.38 12.46
C TRP A 16 14.45 -2.82 11.63
N GLU A 17 13.86 -1.90 10.85
CA GLU A 17 12.57 -2.22 10.23
C GLU A 17 12.68 -3.39 9.26
N ARG A 18 13.75 -3.44 8.47
CA ARG A 18 13.82 -4.49 7.45
C ARG A 18 14.36 -5.80 8.01
N PHE A 19 15.33 -5.74 8.93
CA PHE A 19 15.98 -6.95 9.39
C PHE A 19 15.69 -7.32 10.84
N MET A 20 15.21 -6.36 11.65
CA MET A 20 14.71 -6.61 13.00
C MET A 20 15.69 -7.38 13.86
N CYS A 21 15.21 -8.39 14.59
CA CYS A 21 16.06 -9.10 15.53
C CYS A 21 16.29 -10.53 15.06
N ASN A 22 16.71 -10.69 13.81
CA ASN A 22 16.92 -12.01 13.24
C ASN A 22 18.27 -12.56 13.69
N LEU A 23 18.24 -13.55 14.58
CA LEU A 23 19.44 -14.17 15.11
C LEU A 23 19.76 -15.51 14.45
N ASP A 24 18.96 -15.94 13.48
CA ASP A 24 19.08 -17.28 12.92
C ASP A 24 20.07 -17.29 11.77
N CYS A 25 21.36 -17.20 12.13
CA CYS A 25 22.40 -17.16 11.11
C CYS A 25 22.65 -18.52 10.48
N GLN A 26 22.10 -19.58 11.07
CA GLN A 26 22.30 -20.92 10.51
C GLN A 26 21.34 -21.16 9.35
N GLU A 27 20.06 -20.83 9.55
CA GLU A 27 19.07 -20.96 8.50
C GLU A 27 19.04 -19.76 7.57
N GLU A 28 19.47 -18.58 8.03
CA GLU A 28 19.34 -17.34 7.26
C GLU A 28 20.61 -16.51 7.34
N PRO A 29 21.74 -17.06 6.89
CA PRO A 29 23.02 -16.33 7.01
C PRO A 29 23.02 -14.94 6.39
N ASP A 30 22.25 -14.73 5.32
CA ASP A 30 22.27 -13.46 4.60
C ASP A 30 21.34 -12.41 5.19
N SER A 31 20.47 -12.79 6.13
CA SER A 31 19.52 -11.85 6.72
C SER A 31 19.73 -11.61 8.22
N CYS A 32 20.54 -12.43 8.90
CA CYS A 32 20.65 -12.31 10.33
C CYS A 32 21.50 -11.09 10.70
N ILE A 33 21.32 -10.63 11.93
CA ILE A 33 22.02 -9.42 12.40
C ILE A 33 23.46 -9.83 12.66
N SER A 34 24.35 -9.46 11.75
CA SER A 34 25.72 -9.94 11.82
C SER A 34 26.65 -8.89 11.24
N GLU A 35 27.93 -9.05 11.54
CA GLU A 35 28.97 -8.19 11.00
C GLU A 35 28.97 -8.21 9.47
N LYS A 36 28.70 -9.37 8.88
CA LYS A 36 28.70 -9.50 7.43
C LYS A 36 27.63 -8.64 6.78
N LEU A 37 26.43 -8.59 7.39
CA LEU A 37 25.35 -7.76 6.86
C LEU A 37 25.77 -6.30 6.78
N PHE A 38 26.42 -5.80 7.83
CA PHE A 38 26.81 -4.40 7.85
C PHE A 38 27.96 -4.13 6.88
N MET A 39 28.89 -5.08 6.74
CA MET A 39 29.92 -4.91 5.72
C MET A 39 29.31 -4.80 4.34
N GLU A 40 28.31 -5.65 4.04
CA GLU A 40 27.68 -5.62 2.73
C GLU A 40 26.97 -4.29 2.50
N MET A 41 26.23 -3.81 3.51
CA MET A 41 25.56 -2.52 3.37
C MET A 41 26.57 -1.38 3.19
N ALA A 42 27.70 -1.44 3.89
CA ALA A 42 28.70 -0.37 3.74
C ALA A 42 29.27 -0.35 2.33
N GLU A 43 29.63 -1.53 1.81
CA GLU A 43 30.13 -1.62 0.44
C GLU A 43 29.14 -1.01 -0.52
N LEU A 44 27.86 -1.36 -0.40
CA LEU A 44 26.88 -0.83 -1.34
C LEU A 44 26.63 0.67 -1.13
N MET A 45 26.70 1.15 0.11
CA MET A 45 26.54 2.58 0.35
C MET A 45 27.59 3.36 -0.41
N VAL A 46 28.81 2.83 -0.47
CA VAL A 46 29.84 3.46 -1.29
C VAL A 46 29.56 3.24 -2.79
N SER A 47 29.38 1.99 -3.20
CA SER A 47 29.41 1.67 -4.63
C SER A 47 28.14 2.08 -5.36
N GLU A 48 26.99 2.13 -4.68
CA GLU A 48 25.73 2.46 -5.34
C GLU A 48 25.30 3.91 -5.15
N GLY A 49 26.22 4.79 -4.76
CA GLY A 49 25.94 6.21 -4.75
C GLY A 49 25.25 6.75 -3.51
N TRP A 50 25.05 5.93 -2.49
CA TRP A 50 24.33 6.39 -1.29
C TRP A 50 25.15 7.42 -0.53
N LYS A 51 26.44 7.15 -0.35
CA LYS A 51 27.31 8.11 0.33
C LYS A 51 27.36 9.43 -0.42
N ASP A 52 27.49 9.37 -1.76
CA ASP A 52 27.52 10.60 -2.56
C ASP A 52 26.23 11.39 -2.37
N ALA A 53 25.11 10.71 -2.22
CA ALA A 53 23.83 11.39 -2.04
C ALA A 53 23.70 11.99 -0.65
N GLY A 54 24.53 11.56 0.29
CA GLY A 54 24.52 12.12 1.64
C GLY A 54 24.28 11.12 2.74
N TYR A 55 23.91 9.87 2.42
CA TYR A 55 23.66 8.87 3.45
C TYR A 55 25.00 8.42 4.01
N GLU A 56 25.28 8.81 5.25
CA GLU A 56 26.62 8.75 5.82
C GLU A 56 26.74 7.80 7.01
N TYR A 57 25.68 7.61 7.78
CA TYR A 57 25.74 6.84 9.02
C TYR A 57 25.17 5.45 8.81
N LEU A 58 26.02 4.43 8.94
CA LEU A 58 25.60 3.03 8.94
C LEU A 58 25.36 2.61 10.39
N CYS A 59 24.10 2.34 10.74
CA CYS A 59 23.70 2.23 12.13
C CYS A 59 23.22 0.83 12.49
N ILE A 60 23.78 0.30 13.57
CA ILE A 60 23.34 -0.94 14.18
C ILE A 60 22.22 -0.62 15.17
N ASP A 61 21.11 -1.35 15.05
CA ASP A 61 20.02 -1.23 16.02
C ASP A 61 20.17 -2.37 17.04
N ASP A 62 19.05 -2.76 17.67
CA ASP A 62 19.09 -3.76 18.74
C ASP A 62 19.53 -5.12 18.21
N CYS A 63 19.92 -5.99 19.14
CA CYS A 63 20.31 -7.38 18.88
C CYS A 63 21.70 -7.51 18.26
N TRP A 64 22.64 -6.66 18.66
CA TRP A 64 24.04 -6.86 18.33
C TRP A 64 24.85 -7.40 19.50
N MET A 65 24.34 -7.32 20.72
CA MET A 65 25.12 -7.60 21.91
C MET A 65 25.17 -9.09 22.21
N ALA A 66 26.23 -9.48 22.92
CA ALA A 66 26.28 -10.79 23.54
C ALA A 66 25.29 -10.83 24.71
N PRO A 67 24.88 -12.02 25.15
CA PRO A 67 23.87 -12.07 26.23
C PRO A 67 24.31 -11.40 27.51
N GLN A 68 25.61 -11.30 27.77
CA GLN A 68 26.10 -10.75 29.03
C GLN A 68 27.27 -9.81 28.78
N ARG A 69 27.55 -8.99 29.79
CA ARG A 69 28.72 -8.15 29.78
C ARG A 69 29.98 -9.01 29.99
N ASP A 70 31.14 -8.42 29.72
CA ASP A 70 32.39 -9.15 29.82
C ASP A 70 32.92 -9.13 31.26
N SER A 71 34.17 -9.53 31.43
CA SER A 71 34.79 -9.61 32.76
C SER A 71 34.72 -8.25 33.47
N GLU A 72 35.07 -7.18 32.76
CA GLU A 72 35.11 -5.85 33.35
C GLU A 72 33.77 -5.14 33.29
N GLY A 73 32.68 -5.85 33.01
CA GLY A 73 31.39 -5.21 33.02
C GLY A 73 31.10 -4.32 31.82
N ARG A 74 31.84 -4.47 30.74
CA ARG A 74 31.59 -3.70 29.52
C ARG A 74 30.69 -4.50 28.58
N LEU A 75 30.00 -3.77 27.71
CA LEU A 75 29.22 -4.43 26.66
C LEU A 75 30.15 -5.10 25.66
N GLN A 76 29.67 -6.18 25.08
CA GLN A 76 30.40 -6.84 24.01
C GLN A 76 29.42 -7.25 22.92
N ALA A 77 29.89 -7.26 21.69
CA ALA A 77 29.10 -7.75 20.58
C ALA A 77 29.05 -9.26 20.63
N ASP A 78 28.00 -9.83 20.05
CA ASP A 78 27.84 -11.27 20.06
C ASP A 78 29.07 -11.94 19.45
N PRO A 79 29.69 -12.91 20.14
CA PRO A 79 30.91 -13.53 19.59
C PRO A 79 30.72 -14.20 18.24
N GLN A 80 29.60 -14.87 17.99
CA GLN A 80 29.43 -15.58 16.72
C GLN A 80 29.04 -14.63 15.60
N ARG A 81 28.10 -13.72 15.84
CA ARG A 81 27.60 -12.86 14.78
C ARG A 81 28.49 -11.65 14.52
N PHE A 82 29.26 -11.22 15.51
CA PHE A 82 30.20 -10.11 15.35
C PHE A 82 31.59 -10.57 15.79
N PRO A 83 32.16 -11.55 15.08
CA PRO A 83 33.43 -12.15 15.53
C PRO A 83 34.55 -11.16 15.76
N HIS A 84 34.71 -10.15 14.91
CA HIS A 84 35.82 -9.22 15.05
C HIS A 84 35.53 -8.06 16.00
N GLY A 85 34.29 -7.89 16.45
CA GLY A 85 33.97 -6.89 17.45
C GLY A 85 33.67 -5.53 16.82
N ILE A 86 33.06 -4.67 17.63
CA ILE A 86 32.53 -3.41 17.11
C ILE A 86 33.65 -2.48 16.67
N ARG A 87 34.73 -2.38 17.46
CA ARG A 87 35.82 -1.49 17.08
C ARG A 87 36.33 -1.81 15.68
N GLN A 88 36.47 -3.09 15.35
CA GLN A 88 36.94 -3.49 14.02
C GLN A 88 35.92 -3.15 12.94
N LEU A 89 34.63 -3.35 13.23
CA LEU A 89 33.61 -2.96 12.26
C LEU A 89 33.62 -1.46 12.02
N ALA A 90 33.81 -0.68 13.08
CA ALA A 90 33.93 0.77 12.94
C ALA A 90 35.16 1.15 12.13
N ASN A 91 36.28 0.43 12.34
CA ASN A 91 37.46 0.68 11.52
C ASN A 91 37.16 0.46 10.05
N TYR A 92 36.52 -0.66 9.72
CA TYR A 92 36.15 -0.93 8.35
C TYR A 92 35.23 0.15 7.78
N VAL A 93 34.19 0.51 8.55
CA VAL A 93 33.22 1.50 8.08
C VAL A 93 33.90 2.84 7.85
N HIS A 94 34.83 3.22 8.73
CA HIS A 94 35.58 4.45 8.55
C HIS A 94 36.48 4.39 7.32
N SER A 95 37.09 3.23 7.05
CA SER A 95 37.94 3.10 5.87
C SER A 95 37.15 3.34 4.58
N LYS A 96 35.84 3.13 4.60
CA LYS A 96 34.97 3.45 3.47
C LYS A 96 34.51 4.90 3.47
N GLY A 97 34.90 5.71 4.45
CA GLY A 97 34.41 7.07 4.50
C GLY A 97 33.06 7.25 5.15
N LEU A 98 32.56 6.23 5.84
CA LEU A 98 31.26 6.28 6.49
C LEU A 98 31.43 6.41 8.00
N LYS A 99 30.31 6.55 8.70
CA LYS A 99 30.30 6.60 10.16
C LYS A 99 29.43 5.48 10.71
N LEU A 100 29.74 5.04 11.92
CA LEU A 100 29.08 3.89 12.51
C LEU A 100 28.16 4.33 13.65
N GLY A 101 26.92 3.83 13.62
CA GLY A 101 25.99 4.03 14.71
C GLY A 101 25.76 2.72 15.44
N ILE A 102 25.51 2.82 16.75
CA ILE A 102 25.29 1.67 17.63
C ILE A 102 24.04 1.96 18.45
N TYR A 103 23.61 0.96 19.22
CA TYR A 103 22.35 1.00 19.95
C TYR A 103 22.58 0.59 21.40
N ALA A 104 21.88 1.26 22.32
CA ALA A 104 21.86 0.89 23.72
C ALA A 104 20.51 1.30 24.30
N ASP A 105 20.28 0.98 25.57
CA ASP A 105 19.00 1.23 26.22
C ASP A 105 19.19 1.85 27.60
N VAL A 106 18.37 2.86 27.91
CA VAL A 106 18.50 3.59 29.17
C VAL A 106 18.17 2.73 30.38
N GLY A 107 17.37 1.69 30.20
CA GLY A 107 16.89 0.88 31.30
C GLY A 107 17.78 -0.30 31.62
N ASN A 108 17.16 -1.32 32.22
CA ASN A 108 17.89 -2.50 32.66
C ASN A 108 18.11 -3.50 31.54
N LYS A 109 17.28 -3.50 30.51
CA LYS A 109 17.48 -4.34 29.33
C LYS A 109 17.07 -3.57 28.08
N THR A 110 17.64 -3.96 26.95
CA THR A 110 17.15 -3.45 25.68
C THR A 110 15.76 -4.02 25.41
N CYS A 111 15.07 -3.43 24.42
CA CYS A 111 13.72 -3.87 24.13
C CYS A 111 13.67 -5.36 23.75
N ALA A 112 14.72 -5.87 23.12
CA ALA A 112 14.79 -7.28 22.78
C ALA A 112 15.36 -8.14 23.90
N GLY A 113 15.70 -7.57 25.04
CA GLY A 113 16.09 -8.35 26.20
C GLY A 113 17.58 -8.49 26.43
N PHE A 114 18.42 -7.74 25.74
CA PHE A 114 19.86 -7.79 25.91
C PHE A 114 20.31 -6.76 26.95
N PRO A 115 21.59 -6.79 27.38
CA PRO A 115 22.03 -5.91 28.47
C PRO A 115 21.67 -4.43 28.33
N GLY A 116 20.92 -3.92 29.31
CA GLY A 116 20.65 -2.50 29.41
C GLY A 116 21.83 -1.72 29.98
N SER A 117 21.73 -0.40 29.88
CA SER A 117 22.83 0.46 30.27
C SER A 117 22.64 1.14 31.63
N PHE A 118 21.47 0.99 32.26
CA PHE A 118 21.26 1.58 33.58
C PHE A 118 22.33 1.07 34.53
N GLY A 119 22.96 1.98 35.26
CA GLY A 119 24.07 1.63 36.12
C GLY A 119 25.43 1.61 35.44
N TYR A 120 25.47 1.74 34.11
CA TYR A 120 26.71 1.65 33.34
C TYR A 120 26.88 2.80 32.36
N TYR A 121 26.15 3.91 32.55
CA TYR A 121 26.11 4.97 31.55
C TYR A 121 27.51 5.46 31.18
N ASP A 122 28.37 5.70 32.18
CA ASP A 122 29.69 6.26 31.90
C ASP A 122 30.60 5.23 31.25
N ILE A 123 30.58 3.99 31.75
CA ILE A 123 31.39 2.95 31.13
C ILE A 123 30.92 2.69 29.71
N ASP A 124 29.60 2.69 29.49
CA ASP A 124 29.10 2.42 28.15
C ASP A 124 29.47 3.54 27.18
N ALA A 125 29.33 4.80 27.61
CA ALA A 125 29.75 5.92 26.77
C ALA A 125 31.23 5.82 26.42
N GLN A 126 32.08 5.51 27.41
CA GLN A 126 33.51 5.42 27.15
C GLN A 126 33.82 4.23 26.25
N THR A 127 33.15 3.09 26.47
CA THR A 127 33.29 1.95 25.58
C THR A 127 32.98 2.34 24.13
N PHE A 128 31.83 2.99 23.92
CA PHE A 128 31.45 3.39 22.57
C PHE A 128 32.50 4.30 21.95
N ALA A 129 32.99 5.28 22.72
CA ALA A 129 33.99 6.19 22.19
C ALA A 129 35.28 5.45 21.84
N ASP A 130 35.71 4.55 22.72
CA ASP A 130 36.91 3.75 22.45
C ASP A 130 36.74 2.93 21.18
N TRP A 131 35.53 2.41 20.94
CA TRP A 131 35.26 1.62 19.76
C TRP A 131 35.27 2.44 18.48
N GLY A 132 35.19 3.77 18.58
CA GLY A 132 35.08 4.58 17.39
C GLY A 132 33.66 4.81 16.91
N VAL A 133 32.67 4.58 17.77
CA VAL A 133 31.28 4.80 17.39
C VAL A 133 31.05 6.27 17.12
N ASP A 134 30.23 6.56 16.10
CA ASP A 134 29.93 7.93 15.72
C ASP A 134 28.50 8.35 16.01
N LEU A 135 27.63 7.44 16.44
CA LEU A 135 26.23 7.75 16.71
C LEU A 135 25.68 6.72 17.68
N LEU A 136 24.84 7.17 18.61
CA LEU A 136 24.18 6.28 19.56
C LEU A 136 22.67 6.49 19.50
N LYS A 137 21.94 5.41 19.21
CA LYS A 137 20.49 5.37 19.38
C LYS A 137 20.21 4.76 20.75
N PHE A 138 19.52 5.51 21.61
CA PHE A 138 19.36 5.15 23.01
C PHE A 138 17.88 4.90 23.28
N ASP A 139 17.52 3.64 23.48
CA ASP A 139 16.15 3.18 23.63
C ASP A 139 15.67 3.33 25.07
N GLY A 140 14.35 3.21 25.27
CA GLY A 140 13.76 3.44 26.57
C GLY A 140 13.04 2.29 27.25
N CYS A 141 13.29 1.04 26.85
CA CYS A 141 12.59 -0.09 27.43
C CYS A 141 13.13 -0.43 28.82
N TYR A 142 12.30 -1.11 29.61
CA TYR A 142 12.72 -1.65 30.90
C TYR A 142 13.28 -0.55 31.80
N CYS A 143 12.49 0.50 31.96
CA CYS A 143 12.82 1.69 32.76
C CYS A 143 11.59 1.99 33.62
N ASP A 144 11.74 1.80 34.93
CA ASP A 144 10.59 1.72 35.82
C ASP A 144 10.10 3.06 36.36
N SER A 145 10.64 4.18 35.90
CA SER A 145 10.17 5.45 36.43
C SER A 145 10.50 6.58 35.46
N LEU A 146 9.62 7.57 35.39
CA LEU A 146 9.89 8.76 34.58
C LEU A 146 11.17 9.45 35.04
N GLU A 147 11.43 9.48 36.35
CA GLU A 147 12.66 10.08 36.83
C GLU A 147 13.87 9.31 36.36
N ASN A 148 13.85 7.97 36.46
CA ASN A 148 14.93 7.17 35.92
C ASN A 148 15.11 7.43 34.43
N LEU A 149 14.00 7.52 33.70
CA LEU A 149 14.06 7.79 32.27
C LEU A 149 14.80 9.09 31.97
N ALA A 150 14.32 10.20 32.56
CA ALA A 150 14.91 11.50 32.30
C ALA A 150 16.36 11.53 32.77
N ASP A 151 16.61 11.05 33.99
CA ASP A 151 17.96 11.08 34.54
C ASP A 151 18.91 10.27 33.67
N GLY A 152 18.48 9.11 33.18
CA GLY A 152 19.34 8.29 32.36
C GLY A 152 19.66 8.95 31.04
N TYR A 153 18.65 9.52 30.37
CA TYR A 153 18.91 10.18 29.10
C TYR A 153 19.88 11.36 29.28
N LYS A 154 19.68 12.18 30.33
CA LYS A 154 20.59 13.30 30.56
C LYS A 154 21.99 12.82 30.94
N HIS A 155 22.07 11.83 31.83
CA HIS A 155 23.35 11.28 32.25
C HIS A 155 24.14 10.74 31.06
N MET A 156 23.49 9.95 30.20
CA MET A 156 24.18 9.43 29.02
C MET A 156 24.62 10.55 28.09
N SER A 157 23.78 11.58 27.93
CA SER A 157 24.19 12.70 27.10
C SER A 157 25.48 13.33 27.63
N LEU A 158 25.52 13.56 28.94
CA LEU A 158 26.71 14.16 29.53
C LEU A 158 27.92 13.24 29.43
N ALA A 159 27.71 11.93 29.64
CA ALA A 159 28.82 10.98 29.58
C ALA A 159 29.42 10.93 28.18
N LEU A 160 28.56 10.89 27.16
CA LEU A 160 29.06 10.95 25.79
C LEU A 160 29.88 12.21 25.59
N ASN A 161 29.36 13.35 26.03
CA ASN A 161 30.14 14.58 25.93
C ASN A 161 31.51 14.43 26.59
N ARG A 162 31.54 13.83 27.78
CA ARG A 162 32.79 13.74 28.53
C ARG A 162 33.82 12.85 27.85
N THR A 163 33.38 11.88 27.04
CA THR A 163 34.37 11.08 26.32
C THR A 163 35.23 11.91 25.37
N GLY A 164 34.76 13.09 24.94
CA GLY A 164 35.47 13.90 23.98
C GLY A 164 35.34 13.48 22.53
N ARG A 165 34.64 12.38 22.24
CA ARG A 165 34.40 12.00 20.85
C ARG A 165 33.09 12.59 20.37
N SER A 166 33.06 13.03 19.12
CA SER A 166 31.84 13.51 18.49
C SER A 166 30.91 12.33 18.23
N ILE A 167 29.77 12.28 18.93
CA ILE A 167 28.84 11.16 18.82
C ILE A 167 27.41 11.72 18.72
N VAL A 168 26.76 11.46 17.60
CA VAL A 168 25.36 11.85 17.43
C VAL A 168 24.51 11.09 18.43
N TYR A 169 23.65 11.80 19.15
CA TYR A 169 22.87 11.23 20.24
C TYR A 169 21.41 11.24 19.83
N SER A 170 20.87 10.06 19.55
CA SER A 170 19.51 9.86 19.10
C SER A 170 18.70 9.24 20.24
N CYS A 171 17.63 9.91 20.66
CA CYS A 171 16.89 9.56 21.86
C CYS A 171 15.47 9.11 21.53
N GLU A 172 14.96 8.17 22.33
CA GLU A 172 13.55 7.81 22.28
C GLU A 172 12.78 8.33 23.50
N TRP A 173 13.40 9.19 24.28
CA TRP A 173 12.90 9.83 25.50
C TRP A 173 11.44 10.30 25.37
N PRO A 174 11.11 11.18 24.41
CA PRO A 174 9.72 11.66 24.33
C PRO A 174 8.72 10.54 24.15
N LEU A 175 9.00 9.60 23.25
CA LEU A 175 8.09 8.50 22.99
C LEU A 175 7.75 7.74 24.27
N TYR A 176 8.75 7.50 25.13
CA TYR A 176 8.48 6.74 26.35
C TYR A 176 7.89 7.62 27.44
N MET A 177 7.96 8.95 27.31
CA MET A 177 7.32 9.82 28.29
C MET A 177 5.84 10.02 27.98
N TRP A 178 5.50 10.17 26.70
CA TRP A 178 4.18 10.66 26.29
C TRP A 178 2.97 9.99 26.94
N PRO A 179 2.92 8.66 27.13
CA PRO A 179 1.72 8.09 27.77
C PRO A 179 1.41 8.65 29.15
N PHE A 180 2.43 9.14 29.86
CA PHE A 180 2.32 9.52 31.26
C PHE A 180 2.45 11.02 31.51
N GLN A 181 3.34 11.70 30.80
CA GLN A 181 3.58 13.12 31.02
C GLN A 181 3.98 13.76 29.70
N LYS A 182 3.53 14.99 29.48
CA LYS A 182 3.89 15.68 28.25
C LYS A 182 5.36 16.04 28.29
N PRO A 183 6.12 15.76 27.24
CA PRO A 183 7.56 16.05 27.28
C PRO A 183 7.82 17.55 27.22
N ASN A 184 8.92 17.96 27.83
CA ASN A 184 9.46 19.31 27.68
C ASN A 184 10.50 19.25 26.57
N TYR A 185 10.13 19.73 25.39
CA TYR A 185 11.00 19.59 24.23
C TYR A 185 12.22 20.50 24.29
N THR A 186 12.13 21.62 25.02
CA THR A 186 13.30 22.46 25.22
C THR A 186 14.39 21.69 25.95
N GLU A 187 14.00 20.95 26.99
CA GLU A 187 14.94 20.12 27.74
C GLU A 187 15.50 18.98 26.87
N ILE A 188 14.60 18.29 26.16
CA ILE A 188 15.03 17.19 25.31
C ILE A 188 16.06 17.69 24.30
N ARG A 189 15.74 18.79 23.61
CA ARG A 189 16.68 19.34 22.65
C ARG A 189 17.98 19.75 23.32
N GLN A 190 17.91 20.20 24.56
CA GLN A 190 19.13 20.47 25.32
C GLN A 190 20.02 19.23 25.40
N TYR A 191 19.41 18.04 25.47
CA TYR A 191 20.23 16.84 25.67
C TYR A 191 20.40 15.93 24.44
N CYS A 192 19.64 16.13 23.36
CA CYS A 192 19.56 15.14 22.28
C CYS A 192 19.71 15.79 20.90
N ASN A 193 20.33 15.06 19.96
CA ASN A 193 20.42 15.53 18.58
C ASN A 193 19.16 15.24 17.77
N HIS A 194 18.44 14.18 18.07
CA HIS A 194 17.08 14.01 17.58
C HIS A 194 16.36 13.03 18.48
N TRP A 195 15.04 13.05 18.41
CA TRP A 195 14.23 12.35 19.39
C TRP A 195 13.01 11.73 18.72
N ARG A 196 12.77 10.46 19.03
CA ARG A 196 11.59 9.76 18.54
C ARG A 196 10.34 10.22 19.29
N ASN A 197 9.32 10.62 18.54
CA ASN A 197 8.09 11.14 19.12
C ASN A 197 6.96 10.10 19.19
N PHE A 198 6.94 9.14 18.27
CA PHE A 198 5.73 8.37 18.00
C PHE A 198 6.09 6.89 17.78
N ALA A 199 5.04 6.07 17.72
CA ALA A 199 5.18 4.62 17.63
C ALA A 199 6.05 4.21 16.43
N ASP A 200 6.71 3.06 16.59
CA ASP A 200 7.58 2.50 15.54
C ASP A 200 6.87 2.43 14.19
N ILE A 201 7.58 2.82 13.14
CA ILE A 201 7.07 2.66 11.80
C ILE A 201 7.11 1.18 11.42
N ASP A 202 6.17 0.76 10.58
CA ASP A 202 6.33 -0.52 9.93
C ASP A 202 6.12 -0.36 8.43
N ASP A 203 6.05 -1.46 7.70
CA ASP A 203 6.03 -1.43 6.23
C ASP A 203 4.60 -1.28 5.73
N SER A 204 3.97 -0.15 6.04
CA SER A 204 2.56 0.01 5.69
C SER A 204 2.20 1.48 5.53
N TRP A 205 1.21 1.72 4.65
CA TRP A 205 0.66 3.05 4.46
C TRP A 205 -0.09 3.53 5.69
N LYS A 206 -0.76 2.62 6.39
CA LYS A 206 -1.39 2.96 7.67
C LYS A 206 -0.41 3.60 8.65
N SER A 207 0.80 3.03 8.75
CA SER A 207 1.81 3.56 9.66
C SER A 207 2.20 4.99 9.29
N ILE A 208 2.44 5.21 8.00
CA ILE A 208 2.77 6.55 7.52
C ILE A 208 1.66 7.54 7.83
N LYS A 209 0.42 7.19 7.47
CA LYS A 209 -0.70 8.08 7.78
C LYS A 209 -0.72 8.41 9.26
N SER A 210 -0.53 7.41 10.12
CA SER A 210 -0.64 7.66 11.55
C SER A 210 0.48 8.57 12.03
N ILE A 211 1.69 8.42 11.49
CA ILE A 211 2.80 9.30 11.86
C ILE A 211 2.53 10.73 11.39
N LEU A 212 2.08 10.89 10.15
CA LEU A 212 1.77 12.23 9.65
C LEU A 212 0.66 12.87 10.48
N ASP A 213 -0.38 12.11 10.80
CA ASP A 213 -1.50 12.65 11.55
C ASP A 213 -1.09 13.04 12.96
N TRP A 214 -0.21 12.23 13.59
CA TRP A 214 0.27 12.60 14.91
C TRP A 214 1.09 13.88 14.84
N THR A 215 1.97 13.98 13.84
CA THR A 215 2.82 15.15 13.72
C THR A 215 1.98 16.41 13.49
N SER A 216 0.96 16.34 12.63
CA SER A 216 0.15 17.52 12.38
C SER A 216 -0.72 17.86 13.59
N PHE A 217 -1.17 16.85 14.34
CA PHE A 217 -1.97 17.12 15.52
C PHE A 217 -1.15 17.81 16.61
N ASN A 218 0.11 17.45 16.76
CA ASN A 218 0.96 17.97 17.82
C ASN A 218 1.90 19.07 17.34
N GLN A 219 1.65 19.66 16.17
CA GLN A 219 2.69 20.48 15.56
C GLN A 219 2.95 21.76 16.35
N GLU A 220 1.96 22.28 17.06
CA GLU A 220 2.21 23.47 17.87
C GLU A 220 3.26 23.21 18.94
N ARG A 221 3.39 21.96 19.38
CA ARG A 221 4.33 21.64 20.44
C ARG A 221 5.72 21.28 19.94
N ILE A 222 5.86 20.80 18.70
CA ILE A 222 7.13 20.21 18.28
C ILE A 222 7.81 20.98 17.15
N VAL A 223 7.10 21.79 16.37
CA VAL A 223 7.68 22.34 15.15
C VAL A 223 8.78 23.35 15.47
N ASP A 224 8.52 24.28 16.38
CA ASP A 224 9.46 25.37 16.59
C ASP A 224 10.71 24.95 17.37
N VAL A 225 10.67 23.83 18.10
CA VAL A 225 11.87 23.43 18.82
C VAL A 225 12.92 22.90 17.86
N ALA A 226 12.50 22.39 16.70
CA ALA A 226 13.44 21.76 15.79
C ALA A 226 14.33 22.80 15.12
N GLY A 227 15.54 22.37 14.76
CA GLY A 227 16.50 23.23 14.12
C GLY A 227 17.87 22.61 14.19
N PRO A 228 18.87 23.29 13.61
CA PRO A 228 20.24 22.72 13.59
C PRO A 228 20.66 22.21 14.96
N GLY A 229 21.04 20.93 15.03
CA GLY A 229 21.45 20.31 16.27
C GLY A 229 20.37 19.49 16.96
N GLY A 230 19.10 19.66 16.61
CA GLY A 230 18.03 18.93 17.26
C GLY A 230 16.77 18.81 16.43
N TRP A 231 16.42 17.58 16.03
CA TRP A 231 15.33 17.32 15.09
C TRP A 231 14.29 16.38 15.67
N ASN A 232 13.04 16.56 15.25
CA ASN A 232 12.03 15.54 15.49
C ASN A 232 12.29 14.35 14.59
N ASP A 233 12.17 13.15 15.17
CA ASP A 233 12.45 11.91 14.43
C ASP A 233 11.16 11.12 14.24
N PRO A 234 10.56 11.16 13.05
CA PRO A 234 9.34 10.37 12.79
C PRO A 234 9.59 8.93 12.35
N ASP A 235 10.83 8.46 12.51
CA ASP A 235 11.30 7.10 12.28
C ASP A 235 11.72 6.86 10.83
N MET A 236 12.05 5.62 10.53
CA MET A 236 12.87 5.30 9.36
C MET A 236 12.10 5.47 8.05
N LEU A 237 12.87 5.77 6.99
CA LEU A 237 12.36 5.60 5.63
C LEU A 237 12.24 4.11 5.33
N VAL A 238 11.08 3.69 4.84
CA VAL A 238 10.86 2.29 4.49
C VAL A 238 10.64 2.14 3.00
N ILE A 239 11.00 3.17 2.24
CA ILE A 239 10.98 3.10 0.79
C ILE A 239 11.92 1.99 0.33
N GLY A 240 11.48 1.23 -0.67
CA GLY A 240 12.26 0.13 -1.18
C GLY A 240 11.94 -1.22 -0.61
N ASN A 241 11.00 -1.32 0.31
CA ASN A 241 10.60 -2.59 0.91
C ASN A 241 9.34 -3.10 0.20
N PHE A 242 8.26 -3.45 0.89
CA PHE A 242 7.21 -4.27 0.31
C PHE A 242 5.80 -3.71 0.44
N GLY A 243 5.54 -2.85 1.44
CA GLY A 243 4.18 -2.51 1.80
C GLY A 243 3.66 -1.20 1.24
N LEU A 244 4.51 -0.41 0.60
CA LEU A 244 4.14 0.90 0.11
C LEU A 244 4.01 0.89 -1.41
N SER A 245 2.90 1.41 -1.91
CA SER A 245 2.80 1.68 -3.34
C SER A 245 3.76 2.81 -3.71
N TRP A 246 3.99 2.96 -5.02
CA TRP A 246 4.89 4.01 -5.50
C TRP A 246 4.46 5.38 -4.97
N ASN A 247 3.16 5.68 -5.04
CA ASN A 247 2.70 6.99 -4.57
C ASN A 247 2.85 7.13 -3.06
N GLN A 248 2.70 6.03 -2.31
CA GLN A 248 2.91 6.11 -0.88
C GLN A 248 4.39 6.32 -0.55
N GLN A 249 5.29 5.73 -1.34
CA GLN A 249 6.72 5.99 -1.15
C GLN A 249 7.05 7.45 -1.44
N VAL A 250 6.46 8.00 -2.51
CA VAL A 250 6.66 9.42 -2.83
C VAL A 250 6.18 10.29 -1.67
N THR A 251 5.00 9.97 -1.13
CA THR A 251 4.50 10.72 0.02
C THR A 251 5.49 10.67 1.18
N GLN A 252 6.06 9.49 1.48
CA GLN A 252 6.99 9.44 2.61
C GLN A 252 8.23 10.30 2.35
N MET A 253 8.83 10.18 1.15
CA MET A 253 10.01 10.98 0.85
C MET A 253 9.72 12.47 0.93
N ALA A 254 8.64 12.91 0.28
CA ALA A 254 8.30 14.33 0.28
C ALA A 254 8.06 14.84 1.69
N LEU A 255 7.34 14.09 2.50
CA LEU A 255 6.96 14.66 3.78
C LEU A 255 8.06 14.53 4.82
N TRP A 256 8.94 13.53 4.68
CA TRP A 256 10.13 13.53 5.53
C TRP A 256 11.04 14.69 5.16
N ALA A 257 11.03 15.12 3.89
CA ALA A 257 11.76 16.34 3.54
C ALA A 257 11.10 17.57 4.16
N ILE A 258 9.78 17.67 4.05
CA ILE A 258 9.06 18.81 4.66
C ILE A 258 9.33 18.87 6.17
N MET A 259 9.39 17.73 6.84
CA MET A 259 9.46 17.72 8.30
C MET A 259 10.86 17.88 8.85
N ALA A 260 11.86 18.08 8.00
CA ALA A 260 13.26 18.16 8.44
C ALA A 260 13.60 16.99 9.36
N ALA A 261 13.23 15.84 8.93
CA ALA A 261 13.40 14.58 9.61
C ALA A 261 14.75 13.98 9.28
N PRO A 262 15.37 13.27 10.22
CA PRO A 262 16.49 12.41 9.85
C PRO A 262 16.04 11.40 8.82
N LEU A 263 16.92 11.11 7.86
CA LEU A 263 16.63 10.17 6.78
C LEU A 263 17.43 8.91 7.05
N PHE A 264 16.86 7.99 7.83
CA PHE A 264 17.45 6.69 8.08
C PHE A 264 16.67 5.66 7.25
N MET A 265 17.27 5.22 6.15
CA MET A 265 16.70 4.14 5.37
C MET A 265 16.75 2.85 6.17
N SER A 266 15.67 2.06 6.08
CA SER A 266 15.70 0.69 6.60
C SER A 266 15.18 -0.20 5.48
N ASN A 267 16.11 -0.74 4.70
CA ASN A 267 15.77 -1.54 3.53
C ASN A 267 16.94 -2.49 3.28
N ASP A 268 16.88 -3.23 2.17
CA ASP A 268 17.97 -4.11 1.75
C ASP A 268 18.63 -3.49 0.54
N LEU A 269 19.79 -2.87 0.75
CA LEU A 269 20.50 -2.23 -0.36
C LEU A 269 20.97 -3.23 -1.40
N ARG A 270 21.00 -4.52 -1.08
CA ARG A 270 21.35 -5.55 -2.05
C ARG A 270 20.22 -5.84 -3.03
N HIS A 271 18.97 -5.55 -2.66
CA HIS A 271 17.79 -5.85 -3.47
C HIS A 271 16.84 -4.66 -3.37
N ILE A 272 17.08 -3.65 -4.20
CA ILE A 272 16.25 -2.46 -4.22
C ILE A 272 16.04 -2.04 -5.67
N SER A 273 14.80 -1.70 -6.00
CA SER A 273 14.44 -1.39 -7.38
C SER A 273 15.10 -0.09 -7.83
N PRO A 274 15.35 0.05 -9.13
CA PRO A 274 15.88 1.33 -9.66
C PRO A 274 15.02 2.53 -9.28
N GLN A 275 13.70 2.34 -9.32
CA GLN A 275 12.77 3.42 -9.02
C GLN A 275 12.91 3.89 -7.57
N ALA A 276 12.95 2.93 -6.63
CA ALA A 276 13.10 3.29 -5.22
C ALA A 276 14.45 3.95 -4.95
N LYS A 277 15.51 3.43 -5.57
CA LYS A 277 16.83 4.03 -5.42
C LYS A 277 16.85 5.47 -5.93
N ALA A 278 16.26 5.70 -7.11
CA ALA A 278 16.22 7.05 -7.66
C ALA A 278 15.41 8.00 -6.77
N LEU A 279 14.31 7.52 -6.19
CA LEU A 279 13.56 8.37 -5.26
C LEU A 279 14.39 8.71 -4.03
N LEU A 280 14.98 7.70 -3.40
CA LEU A 280 15.77 7.91 -2.18
C LEU A 280 17.02 8.75 -2.42
N GLN A 281 17.53 8.78 -3.65
CA GLN A 281 18.72 9.56 -3.99
C GLN A 281 18.35 10.86 -4.70
N ASP A 282 17.08 11.24 -4.70
CA ASP A 282 16.63 12.47 -5.36
C ASP A 282 17.34 13.70 -4.80
N LYS A 283 18.20 14.28 -5.63
CA LYS A 283 19.06 15.39 -5.21
C LYS A 283 18.26 16.59 -4.70
N ASP A 284 17.22 16.99 -5.45
CA ASP A 284 16.46 18.19 -5.07
C ASP A 284 15.65 17.97 -3.79
N VAL A 285 15.08 16.77 -3.63
CA VAL A 285 14.31 16.51 -2.42
C VAL A 285 15.22 16.40 -1.21
N ILE A 286 16.36 15.71 -1.35
CA ILE A 286 17.32 15.66 -0.26
C ILE A 286 17.77 17.07 0.11
N ALA A 287 18.00 17.90 -0.91
CA ALA A 287 18.43 19.28 -0.64
C ALA A 287 17.39 20.02 0.16
N ILE A 288 16.10 19.79 -0.11
CA ILE A 288 15.08 20.38 0.75
C ILE A 288 15.23 19.85 2.17
N ASN A 289 15.31 18.53 2.33
CA ASN A 289 15.43 17.96 3.67
C ASN A 289 16.66 18.54 4.39
N GLN A 290 17.74 18.75 3.65
CA GLN A 290 19.03 19.17 4.19
C GLN A 290 19.22 20.68 4.21
N ASP A 291 18.16 21.47 3.98
CA ASP A 291 18.27 22.92 3.90
C ASP A 291 18.97 23.49 5.14
N PRO A 292 20.06 24.26 4.97
CA PRO A 292 20.85 24.70 6.14
C PRO A 292 20.08 25.52 7.15
N LEU A 293 19.03 26.23 6.73
CA LEU A 293 18.23 26.99 7.68
C LEU A 293 17.63 26.08 8.75
N GLY A 294 17.26 24.86 8.37
CA GLY A 294 16.81 23.91 9.37
C GLY A 294 15.51 24.26 10.06
N LYS A 295 14.57 24.89 9.36
CA LYS A 295 13.27 25.20 9.93
C LYS A 295 12.27 24.13 9.49
N GLN A 296 11.68 23.44 10.47
CA GLN A 296 10.78 22.33 10.15
C GLN A 296 9.49 22.86 9.53
N GLY A 297 9.00 22.15 8.52
CA GLY A 297 7.75 22.50 7.90
C GLY A 297 6.58 22.07 8.77
N TYR A 298 5.38 22.33 8.25
CA TYR A 298 4.18 22.16 9.05
C TYR A 298 3.00 21.96 8.13
N GLN A 299 1.90 21.50 8.70
CA GLN A 299 0.67 21.38 7.94
C GLN A 299 -0.02 22.74 7.90
N LEU A 300 -0.25 23.24 6.70
CA LEU A 300 -0.92 24.52 6.49
C LEU A 300 -2.43 24.36 6.40
N ARG A 301 -2.89 23.31 5.72
CA ARG A 301 -4.30 23.15 5.45
C ARG A 301 -4.67 21.68 5.47
N GLN A 302 -5.95 21.43 5.74
CA GLN A 302 -6.51 20.09 5.64
C GLN A 302 -8.00 20.24 5.43
N GLY A 303 -8.52 19.50 4.45
CA GLY A 303 -9.93 19.56 4.12
C GLY A 303 -10.21 18.85 2.81
N ASP A 304 -11.40 18.28 2.68
CA ASP A 304 -11.80 17.58 1.46
C ASP A 304 -10.80 16.46 1.13
N ASN A 305 -10.28 15.82 2.17
CA ASN A 305 -9.32 14.72 2.05
C ASN A 305 -8.06 15.14 1.32
N PHE A 306 -7.73 16.43 1.40
CA PHE A 306 -6.47 17.00 0.94
C PHE A 306 -5.75 17.58 2.15
N GLU A 307 -4.42 17.54 2.09
CA GLU A 307 -3.59 18.24 3.05
C GLU A 307 -2.57 19.08 2.30
N VAL A 308 -2.27 20.25 2.85
CA VAL A 308 -1.19 21.10 2.36
C VAL A 308 -0.21 21.34 3.50
N TRP A 309 1.04 21.00 3.26
CA TRP A 309 2.15 21.25 4.16
C TRP A 309 3.13 22.19 3.48
N GLU A 310 3.86 22.96 4.27
CA GLU A 310 4.88 23.82 3.68
C GLU A 310 6.05 23.96 4.65
N ARG A 311 7.21 24.32 4.09
CA ARG A 311 8.46 24.48 4.83
C ARG A 311 9.24 25.69 4.32
N PRO A 312 9.61 26.62 5.18
CA PRO A 312 10.48 27.73 4.74
C PRO A 312 11.91 27.25 4.55
N LEU A 313 12.55 27.71 3.49
CA LEU A 313 13.91 27.35 3.13
C LEU A 313 14.83 28.57 3.16
N SER A 314 16.12 28.30 2.97
CA SER A 314 17.10 29.37 2.80
C SER A 314 16.77 30.24 1.60
N GLY A 315 17.13 31.51 1.71
CA GLY A 315 17.08 32.41 0.55
C GLY A 315 15.70 32.64 -0.03
N LEU A 316 14.69 32.81 0.83
CA LEU A 316 13.31 33.15 0.45
C LEU A 316 12.60 32.06 -0.35
N ALA A 317 13.14 30.84 -0.39
CA ALA A 317 12.43 29.77 -1.07
C ALA A 317 11.51 29.04 -0.09
N TRP A 318 10.54 28.31 -0.66
CA TRP A 318 9.63 27.50 0.16
C TRP A 318 9.44 26.16 -0.51
N ALA A 319 9.20 25.13 0.30
CA ALA A 319 8.75 23.84 -0.20
C ALA A 319 7.28 23.65 0.16
N VAL A 320 6.50 23.12 -0.77
CA VAL A 320 5.07 22.90 -0.56
C VAL A 320 4.72 21.48 -0.95
N ALA A 321 4.01 20.77 -0.09
CA ALA A 321 3.55 19.41 -0.37
C ALA A 321 2.04 19.36 -0.29
N MET A 322 1.41 18.69 -1.25
CA MET A 322 -0.03 18.51 -1.29
C MET A 322 -0.33 17.03 -1.36
N ILE A 323 -1.05 16.53 -0.36
CA ILE A 323 -1.36 15.11 -0.22
C ILE A 323 -2.83 14.90 -0.53
N ASN A 324 -3.11 13.83 -1.25
CA ASN A 324 -4.48 13.37 -1.50
C ASN A 324 -4.72 12.16 -0.61
N ARG A 325 -5.51 12.34 0.45
CA ARG A 325 -5.80 11.28 1.41
C ARG A 325 -7.03 10.46 1.05
N GLN A 326 -7.70 10.76 -0.06
CA GLN A 326 -8.82 9.95 -0.53
C GLN A 326 -8.30 8.69 -1.23
N GLU A 327 -8.65 7.52 -0.70
CA GLU A 327 -8.10 6.26 -1.17
C GLU A 327 -9.05 5.53 -2.12
N ILE A 328 -9.72 6.29 -2.98
CA ILE A 328 -10.61 5.75 -4.01
C ILE A 328 -10.58 6.73 -5.17
N GLY A 329 -10.90 6.25 -6.37
CA GLY A 329 -10.95 7.15 -7.52
C GLY A 329 -9.59 7.36 -8.18
N GLY A 330 -9.47 8.50 -8.86
CA GLY A 330 -8.30 8.81 -9.66
C GLY A 330 -7.64 10.11 -9.22
N PRO A 331 -6.70 10.62 -10.03
CA PRO A 331 -6.03 11.88 -9.67
C PRO A 331 -7.06 12.97 -9.43
N ARG A 332 -6.92 13.66 -8.31
CA ARG A 332 -7.91 14.63 -7.86
C ARG A 332 -7.36 16.04 -7.96
N SER A 333 -8.19 16.96 -8.46
CA SER A 333 -7.78 18.33 -8.63
C SER A 333 -7.80 19.09 -7.31
N TYR A 334 -6.76 19.87 -7.08
CA TYR A 334 -6.63 20.74 -5.93
C TYR A 334 -6.06 22.07 -6.39
N THR A 335 -6.64 23.17 -5.93
CA THR A 335 -6.16 24.51 -6.25
C THR A 335 -6.01 25.33 -4.97
N ILE A 336 -5.02 26.22 -4.98
CA ILE A 336 -4.82 27.11 -3.85
C ILE A 336 -4.20 28.39 -4.36
N ALA A 337 -4.63 29.53 -3.81
CA ALA A 337 -4.00 30.79 -4.16
C ALA A 337 -2.56 30.80 -3.68
N VAL A 338 -1.64 31.20 -4.57
CA VAL A 338 -0.24 31.22 -4.14
C VAL A 338 0.00 32.26 -3.06
N ALA A 339 -0.85 33.28 -2.96
CA ALA A 339 -0.72 34.24 -1.87
C ALA A 339 -0.97 33.60 -0.52
N SER A 340 -1.65 32.45 -0.48
CA SER A 340 -1.86 31.71 0.75
C SER A 340 -0.65 30.89 1.17
N LEU A 341 0.34 30.74 0.28
CA LEU A 341 1.51 29.93 0.55
C LEU A 341 2.64 30.78 1.11
N GLY A 342 3.52 30.13 1.88
CA GLY A 342 4.70 30.81 2.39
C GLY A 342 4.40 32.04 3.20
N LYS A 343 3.29 32.03 3.94
CA LYS A 343 2.88 33.14 4.80
C LYS A 343 2.66 34.43 4.03
N GLY A 344 2.38 34.33 2.74
CA GLY A 344 2.16 35.49 1.92
C GLY A 344 3.39 36.16 1.36
N VAL A 345 4.59 35.63 1.58
CA VAL A 345 5.79 36.23 1.01
C VAL A 345 6.41 35.40 -0.11
N ALA A 346 6.12 34.09 -0.19
CA ALA A 346 6.82 33.24 -1.16
C ALA A 346 6.65 33.74 -2.58
N CYS A 347 5.45 34.21 -2.94
CA CYS A 347 5.15 34.59 -4.31
C CYS A 347 4.74 36.06 -4.41
N ASN A 348 5.30 36.90 -3.55
CA ASN A 348 5.07 38.33 -3.60
C ASN A 348 6.38 39.00 -4.00
N PRO A 349 6.48 39.63 -5.18
CA PRO A 349 5.42 39.86 -6.16
C PRO A 349 5.13 38.65 -7.06
N ALA A 350 6.10 37.75 -7.21
CA ALA A 350 5.93 36.56 -8.02
C ALA A 350 6.91 35.50 -7.54
N CYS A 351 6.69 34.27 -8.02
CA CYS A 351 7.60 33.17 -7.75
C CYS A 351 7.65 32.26 -8.97
N PHE A 352 8.79 31.60 -9.14
CA PHE A 352 8.90 30.49 -10.08
C PHE A 352 8.71 29.20 -9.31
N ILE A 353 7.84 28.34 -9.82
CA ILE A 353 7.47 27.10 -9.16
C ILE A 353 7.99 25.92 -9.97
N THR A 354 8.70 25.01 -9.29
CA THR A 354 9.16 23.78 -9.89
C THR A 354 8.56 22.61 -9.12
N GLN A 355 7.83 21.76 -9.82
CA GLN A 355 7.44 20.49 -9.23
C GLN A 355 8.65 19.56 -9.19
N LEU A 356 8.86 18.91 -8.05
CA LEU A 356 9.93 17.95 -7.87
C LEU A 356 9.43 16.51 -7.83
N LEU A 357 8.25 16.27 -7.27
CA LEU A 357 7.66 14.94 -7.14
C LEU A 357 6.20 15.01 -7.51
N PRO A 358 5.63 13.94 -8.10
CA PRO A 358 6.23 12.64 -8.44
C PRO A 358 7.29 12.68 -9.55
N VAL A 359 7.26 13.73 -10.38
CA VAL A 359 8.28 13.94 -11.42
C VAL A 359 8.69 15.40 -11.38
N LYS A 360 9.89 15.66 -11.88
CA LYS A 360 10.40 17.03 -11.94
C LYS A 360 9.88 17.72 -13.18
N ARG A 361 9.21 18.85 -13.00
CA ARG A 361 8.65 19.60 -14.12
C ARG A 361 8.60 21.06 -13.71
N LYS A 362 9.13 21.95 -14.56
CA LYS A 362 8.97 23.37 -14.33
C LYS A 362 7.53 23.76 -14.57
N LEU A 363 6.92 24.48 -13.63
CA LEU A 363 5.54 24.92 -13.84
C LEU A 363 5.44 26.36 -14.31
N GLY A 364 6.45 27.18 -14.06
CA GLY A 364 6.52 28.53 -14.60
C GLY A 364 6.38 29.59 -13.52
N PHE A 365 6.18 30.82 -13.99
CA PHE A 365 6.03 31.96 -13.10
C PHE A 365 4.59 32.09 -12.61
N TYR A 366 4.45 32.33 -11.32
CA TYR A 366 3.15 32.55 -10.69
C TYR A 366 3.19 33.92 -10.04
N GLU A 367 2.23 34.77 -10.39
CA GLU A 367 2.16 36.10 -9.81
C GLU A 367 1.44 36.05 -8.47
N TRP A 368 1.63 37.11 -7.68
CA TRP A 368 1.00 37.24 -6.38
C TRP A 368 -0.49 36.92 -6.42
N THR A 369 -1.14 37.21 -7.55
CA THR A 369 -2.57 37.01 -7.73
C THR A 369 -2.92 35.61 -8.19
N SER A 370 -1.94 34.76 -8.45
CA SER A 370 -2.21 33.53 -9.17
C SER A 370 -2.75 32.43 -8.25
N ARG A 371 -3.26 31.39 -8.91
CA ARG A 371 -3.70 30.17 -8.26
C ARG A 371 -2.88 29.01 -8.81
N LEU A 372 -2.44 28.15 -7.92
CA LEU A 372 -1.73 26.95 -8.27
C LEU A 372 -2.73 25.80 -8.36
N ARG A 373 -2.76 25.14 -9.51
CA ARG A 373 -3.65 24.02 -9.77
C ARG A 373 -2.84 22.76 -9.99
N SER A 374 -3.27 21.66 -9.37
CA SER A 374 -2.55 20.41 -9.50
C SER A 374 -3.52 19.23 -9.41
N HIS A 375 -3.08 18.10 -9.94
CA HIS A 375 -3.79 16.83 -9.79
C HIS A 375 -2.91 15.92 -8.96
N ILE A 376 -3.48 15.33 -7.92
CA ILE A 376 -2.72 14.56 -6.95
C ILE A 376 -3.31 13.15 -6.91
N ASN A 377 -2.44 12.16 -7.07
CA ASN A 377 -2.85 10.78 -7.03
C ASN A 377 -3.32 10.38 -5.63
N PRO A 378 -4.32 9.50 -5.55
CA PRO A 378 -4.71 8.90 -4.27
C PRO A 378 -3.53 8.31 -3.50
N THR A 379 -3.35 8.78 -2.25
CA THR A 379 -2.27 8.44 -1.33
C THR A 379 -0.92 8.96 -1.81
N GLY A 380 -0.88 9.71 -2.92
CA GLY A 380 0.34 10.32 -3.38
C GLY A 380 0.46 11.77 -2.92
N THR A 381 1.58 12.38 -3.30
CA THR A 381 1.93 13.73 -2.91
C THR A 381 2.56 14.47 -4.08
N VAL A 382 2.19 15.74 -4.24
CA VAL A 382 2.89 16.64 -5.15
C VAL A 382 3.77 17.56 -4.32
N LEU A 383 5.07 17.53 -4.59
CA LEU A 383 6.07 18.33 -3.90
C LEU A 383 6.58 19.41 -4.84
N LEU A 384 6.55 20.66 -4.39
CA LEU A 384 6.92 21.82 -5.17
C LEU A 384 7.96 22.64 -4.43
N GLN A 385 8.78 23.35 -5.21
CA GLN A 385 9.69 24.36 -4.67
C GLN A 385 9.35 25.69 -5.31
N LEU A 386 9.17 26.70 -4.46
CA LEU A 386 8.82 28.05 -4.86
C LEU A 386 10.03 28.94 -4.64
N GLU A 387 10.43 29.66 -5.69
CA GLU A 387 11.53 30.62 -5.61
C GLU A 387 10.96 32.02 -5.84
N ASN A 388 11.12 32.90 -4.87
CA ASN A 388 10.67 34.28 -5.05
C ASN A 388 11.52 34.96 -6.11
N THR A 389 10.88 35.77 -6.96
CA THR A 389 11.60 36.41 -8.06
C THR A 389 12.48 37.58 -7.60
N MET A 390 12.45 37.95 -6.32
CA MET A 390 13.35 38.97 -5.79
C MET A 390 14.69 38.35 -5.39
N LEU B 1 -27.74 -18.79 -11.68
CA LEU B 1 -28.70 -18.51 -12.75
C LEU B 1 -28.46 -19.40 -13.97
N ASP B 2 -29.48 -20.17 -14.34
CA ASP B 2 -29.37 -21.16 -15.41
C ASP B 2 -29.73 -20.54 -16.76
N ASN B 3 -29.01 -19.49 -17.14
CA ASN B 3 -29.19 -18.87 -18.45
C ASN B 3 -28.09 -19.25 -19.44
N GLY B 4 -27.29 -20.27 -19.12
CA GLY B 4 -26.19 -20.66 -19.98
C GLY B 4 -25.01 -19.71 -19.98
N LEU B 5 -25.04 -18.64 -19.19
CA LEU B 5 -23.97 -17.66 -19.15
C LEU B 5 -23.12 -17.85 -17.89
N ALA B 6 -21.97 -17.17 -17.89
CA ALA B 6 -21.06 -17.16 -16.75
C ALA B 6 -20.68 -18.59 -16.33
N ARG B 7 -20.42 -19.44 -17.33
CA ARG B 7 -19.94 -20.78 -17.01
C ARG B 7 -18.54 -20.75 -16.43
N THR B 8 -17.77 -19.71 -16.70
CA THR B 8 -16.61 -19.32 -15.91
C THR B 8 -16.86 -17.92 -15.39
N PRO B 9 -16.14 -17.48 -14.36
CA PRO B 9 -16.34 -16.11 -13.86
C PRO B 9 -16.21 -15.09 -14.96
N THR B 10 -17.18 -14.18 -15.03
CA THR B 10 -17.16 -13.11 -16.02
C THR B 10 -15.88 -12.28 -15.90
N MET B 11 -15.30 -11.91 -17.04
CA MET B 11 -14.12 -11.06 -17.10
C MET B 11 -14.44 -9.79 -17.89
N GLY B 12 -13.99 -8.66 -17.39
CA GLY B 12 -14.23 -7.39 -18.05
C GLY B 12 -13.68 -6.18 -17.32
N TRP B 13 -14.31 -5.02 -17.55
CA TRP B 13 -13.87 -3.73 -17.02
C TRP B 13 -15.10 -2.98 -16.55
N LEU B 14 -15.00 -2.39 -15.37
CA LEU B 14 -16.09 -1.66 -14.74
C LEU B 14 -15.53 -0.35 -14.21
N HIS B 15 -16.23 0.76 -14.47
CA HIS B 15 -15.62 2.06 -14.23
C HIS B 15 -15.66 2.51 -12.77
N TRP B 16 -16.43 1.84 -11.90
CA TRP B 16 -16.82 2.47 -10.64
C TRP B 16 -15.63 2.90 -9.78
N GLU B 17 -14.72 1.98 -9.45
CA GLU B 17 -13.71 2.30 -8.46
C GLU B 17 -12.83 3.45 -8.90
N ARG B 18 -12.43 3.46 -10.17
CA ARG B 18 -11.47 4.44 -10.65
C ARG B 18 -12.13 5.75 -11.05
N PHE B 19 -13.34 5.70 -11.60
CA PHE B 19 -13.98 6.90 -12.14
C PHE B 19 -15.21 7.34 -11.37
N MET B 20 -15.84 6.45 -10.60
CA MET B 20 -16.91 6.81 -9.69
C MET B 20 -18.02 7.60 -10.37
N CYS B 21 -18.49 8.66 -9.73
CA CYS B 21 -19.60 9.44 -10.27
C CYS B 21 -19.16 10.84 -10.67
N ASN B 22 -18.10 10.91 -11.48
CA ASN B 22 -17.59 12.21 -11.89
C ASN B 22 -18.47 12.75 -13.01
N LEU B 23 -19.23 13.80 -12.71
CA LEU B 23 -20.16 14.40 -13.65
C LEU B 23 -19.62 15.67 -14.30
N ASP B 24 -18.43 16.14 -13.90
CA ASP B 24 -17.90 17.44 -14.28
C ASP B 24 -17.05 17.32 -15.55
N CYS B 25 -17.73 17.21 -16.70
CA CYS B 25 -16.99 17.06 -17.94
C CYS B 25 -16.31 18.35 -18.40
N GLN B 26 -16.61 19.51 -17.79
CA GLN B 26 -15.92 20.72 -18.21
C GLN B 26 -14.55 20.85 -17.53
N GLU B 27 -14.52 20.67 -16.20
CA GLU B 27 -13.26 20.76 -15.46
C GLU B 27 -12.47 19.46 -15.42
N GLU B 28 -13.11 18.30 -15.59
CA GLU B 28 -12.45 17.00 -15.50
C GLU B 28 -12.84 16.12 -16.69
N PRO B 29 -12.63 16.58 -17.92
CA PRO B 29 -13.09 15.81 -19.09
C PRO B 29 -12.53 14.40 -19.17
N ASP B 30 -11.29 14.17 -18.71
CA ASP B 30 -10.68 12.85 -18.87
C ASP B 30 -11.16 11.86 -17.83
N SER B 31 -11.87 12.34 -16.80
CA SER B 31 -12.33 11.49 -15.72
C SER B 31 -13.85 11.37 -15.65
N CYS B 32 -14.60 12.23 -16.35
CA CYS B 32 -16.04 12.20 -16.18
C CYS B 32 -16.63 11.00 -16.92
N ILE B 33 -17.81 10.58 -16.45
CA ILE B 33 -18.51 9.42 -17.00
C ILE B 33 -19.16 9.85 -18.31
N SER B 34 -18.58 9.47 -19.44
CA SER B 34 -19.06 9.91 -20.73
C SER B 34 -18.90 8.78 -21.75
N GLU B 35 -19.65 8.89 -22.85
CA GLU B 35 -19.53 7.90 -23.91
C GLU B 35 -18.12 7.87 -24.47
N LYS B 36 -17.44 9.02 -24.54
CA LYS B 36 -16.10 9.05 -25.11
C LYS B 36 -15.14 8.20 -24.29
N LEU B 37 -15.30 8.24 -22.95
CA LEU B 37 -14.46 7.42 -22.08
C LEU B 37 -14.62 5.94 -22.40
N PHE B 38 -15.86 5.48 -22.56
CA PHE B 38 -16.10 4.06 -22.83
C PHE B 38 -15.66 3.67 -24.22
N MET B 39 -15.84 4.56 -25.20
CA MET B 39 -15.31 4.29 -26.54
C MET B 39 -13.80 4.12 -26.51
N GLU B 40 -13.09 5.04 -25.84
CA GLU B 40 -11.65 4.95 -25.79
C GLU B 40 -11.21 3.70 -25.03
N MET B 41 -11.89 3.40 -23.92
CA MET B 41 -11.57 2.20 -23.15
C MET B 41 -11.77 0.94 -23.99
N ALA B 42 -12.80 0.92 -24.84
CA ALA B 42 -13.01 -0.21 -25.73
C ALA B 42 -11.86 -0.34 -26.74
N GLU B 43 -11.47 0.78 -27.35
CA GLU B 43 -10.34 0.76 -28.27
C GLU B 43 -9.09 0.17 -27.60
N LEU B 44 -8.80 0.61 -26.37
CA LEU B 44 -7.61 0.07 -25.70
C LEU B 44 -7.78 -1.37 -25.28
N MET B 45 -9.00 -1.79 -24.90
CA MET B 45 -9.22 -3.20 -24.60
C MET B 45 -8.86 -4.06 -25.79
N VAL B 46 -9.18 -3.60 -26.99
CA VAL B 46 -8.78 -4.34 -28.20
C VAL B 46 -7.28 -4.24 -28.41
N SER B 47 -6.76 -3.01 -28.50
CA SER B 47 -5.39 -2.82 -29.01
C SER B 47 -4.32 -3.22 -28.00
N GLU B 48 -4.61 -3.16 -26.70
CA GLU B 48 -3.59 -3.44 -25.69
C GLU B 48 -3.68 -4.86 -25.13
N GLY B 49 -4.36 -5.76 -25.82
CA GLY B 49 -4.33 -7.17 -25.47
C GLY B 49 -5.31 -7.62 -24.41
N TRP B 50 -6.17 -6.73 -23.92
CA TRP B 50 -7.10 -7.12 -22.87
C TRP B 50 -8.15 -8.11 -23.36
N LYS B 51 -8.71 -7.88 -24.55
CA LYS B 51 -9.67 -8.83 -25.10
C LYS B 51 -9.04 -10.21 -25.28
N ASP B 52 -7.82 -10.25 -25.82
CA ASP B 52 -7.15 -11.54 -26.01
C ASP B 52 -6.96 -12.28 -24.69
N ALA B 53 -6.67 -11.55 -23.61
CA ALA B 53 -6.45 -12.20 -22.32
C ALA B 53 -7.74 -12.74 -21.73
N GLY B 54 -8.90 -12.29 -22.20
CA GLY B 54 -10.18 -12.78 -21.73
C GLY B 54 -11.11 -11.70 -21.22
N TYR B 55 -10.65 -10.47 -21.05
CA TYR B 55 -11.49 -9.38 -20.56
C TYR B 55 -12.43 -8.93 -21.67
N GLU B 56 -13.72 -9.26 -21.52
CA GLU B 56 -14.68 -9.21 -22.61
C GLU B 56 -15.79 -8.20 -22.40
N TYR B 57 -16.17 -7.91 -21.17
CA TYR B 57 -17.32 -7.05 -20.87
C TYR B 57 -16.86 -5.65 -20.48
N LEU B 58 -17.19 -4.67 -21.31
CA LEU B 58 -16.98 -3.27 -20.98
C LEU B 58 -18.26 -2.79 -20.29
N CYS B 59 -18.16 -2.46 -19.00
CA CYS B 59 -19.34 -2.29 -18.17
C CYS B 59 -19.45 -0.85 -17.67
N ILE B 60 -20.62 -0.26 -17.87
CA ILE B 60 -20.96 1.05 -17.30
C ILE B 60 -21.52 0.83 -15.91
N ASP B 61 -21.01 1.58 -14.95
CA ASP B 61 -21.58 1.54 -13.61
C ASP B 61 -22.55 2.72 -13.47
N ASP B 62 -22.76 3.19 -12.24
CA ASP B 62 -23.73 4.25 -11.98
C ASP B 62 -23.33 5.56 -12.66
N CYS B 63 -24.32 6.46 -12.78
CA CYS B 63 -24.17 7.82 -13.29
C CYS B 63 -24.03 7.88 -14.80
N TRP B 64 -24.79 7.04 -15.52
CA TRP B 64 -24.95 7.20 -16.96
C TRP B 64 -26.30 7.79 -17.37
N MET B 65 -27.30 7.77 -16.49
CA MET B 65 -28.66 8.13 -16.83
C MET B 65 -28.88 9.64 -16.85
N ALA B 66 -29.90 10.05 -17.60
CA ALA B 66 -30.45 11.39 -17.46
C ALA B 66 -31.21 11.50 -16.14
N PRO B 67 -31.42 12.71 -15.64
CA PRO B 67 -32.11 12.85 -14.34
C PRO B 67 -33.55 12.32 -14.30
N GLN B 68 -34.24 12.24 -15.44
CA GLN B 68 -35.63 11.80 -15.48
C GLN B 68 -35.79 10.80 -16.61
N ARG B 69 -36.88 10.02 -16.53
CA ARG B 69 -37.25 9.17 -17.65
C ARG B 69 -37.83 10.04 -18.75
N ASP B 70 -37.98 9.46 -19.93
CA ASP B 70 -38.46 10.22 -21.08
C ASP B 70 -39.99 10.28 -21.09
N SER B 71 -40.54 10.77 -22.22
CA SER B 71 -41.99 10.85 -22.39
C SER B 71 -42.64 9.48 -22.27
N GLU B 72 -42.02 8.47 -22.88
CA GLU B 72 -42.56 7.11 -22.89
C GLU B 72 -42.25 6.35 -21.61
N GLY B 73 -41.74 7.03 -20.59
CA GLY B 73 -41.46 6.41 -19.31
C GLY B 73 -40.28 5.47 -19.29
N ARG B 74 -39.46 5.45 -20.34
CA ARG B 74 -38.27 4.60 -20.36
C ARG B 74 -37.05 5.42 -19.94
N LEU B 75 -36.04 4.71 -19.46
CA LEU B 75 -34.77 5.33 -19.11
C LEU B 75 -34.08 5.87 -20.35
N GLN B 76 -33.29 6.93 -20.17
CA GLN B 76 -32.48 7.47 -21.25
C GLN B 76 -31.10 7.84 -20.71
N ALA B 77 -30.11 7.78 -21.60
CA ALA B 77 -28.77 8.20 -21.23
C ALA B 77 -28.70 9.72 -21.13
N ASP B 78 -27.73 10.19 -20.35
CA ASP B 78 -27.57 11.62 -20.16
C ASP B 78 -27.41 12.32 -21.51
N PRO B 79 -28.16 13.39 -21.78
CA PRO B 79 -28.03 14.07 -23.08
C PRO B 79 -26.65 14.63 -23.36
N GLN B 80 -26.00 15.25 -22.38
CA GLN B 80 -24.70 15.87 -22.66
C GLN B 80 -23.56 14.87 -22.68
N ARG B 81 -23.53 13.95 -21.71
CA ARG B 81 -22.40 13.05 -21.60
C ARG B 81 -22.52 11.83 -22.52
N PHE B 82 -23.74 11.44 -22.88
CA PHE B 82 -23.97 10.33 -23.80
C PHE B 82 -24.87 10.77 -24.96
N PRO B 83 -24.43 11.76 -25.77
CA PRO B 83 -25.30 12.28 -26.83
C PRO B 83 -25.79 11.23 -27.81
N HIS B 84 -24.94 10.26 -28.17
CA HIS B 84 -25.27 9.28 -29.18
C HIS B 84 -26.04 8.07 -28.63
N GLY B 85 -26.17 7.94 -27.32
CA GLY B 85 -27.06 6.96 -26.75
C GLY B 85 -26.46 5.58 -26.60
N ILE B 86 -27.14 4.77 -25.77
CA ILE B 86 -26.61 3.47 -25.38
C ILE B 86 -26.60 2.52 -26.56
N ARG B 87 -27.65 2.54 -27.38
CA ARG B 87 -27.72 1.65 -28.54
C ARG B 87 -26.49 1.84 -29.43
N GLN B 88 -26.12 3.09 -29.69
CA GLN B 88 -24.95 3.37 -30.53
C GLN B 88 -23.65 2.99 -29.82
N LEU B 89 -23.56 3.23 -28.51
CA LEU B 89 -22.37 2.79 -27.78
C LEU B 89 -22.24 1.27 -27.84
N ALA B 90 -23.35 0.55 -27.69
CA ALA B 90 -23.35 -0.90 -27.78
C ALA B 90 -22.95 -1.37 -29.17
N ASN B 91 -23.44 -0.69 -30.21
CA ASN B 91 -23.01 -1.00 -31.56
C ASN B 91 -21.49 -0.87 -31.69
N TYR B 92 -20.94 0.22 -31.17
CA TYR B 92 -19.49 0.43 -31.23
C TYR B 92 -18.75 -0.69 -30.50
N VAL B 93 -19.20 -1.00 -29.28
CA VAL B 93 -18.55 -2.01 -28.46
C VAL B 93 -18.61 -3.37 -29.13
N HIS B 94 -19.77 -3.72 -29.71
CA HIS B 94 -19.90 -4.98 -30.44
C HIS B 94 -19.00 -4.99 -31.66
N SER B 95 -18.88 -3.85 -32.36
CA SER B 95 -18.01 -3.80 -33.52
C SER B 95 -16.56 -4.06 -33.14
N LYS B 96 -16.19 -3.79 -31.88
CA LYS B 96 -14.85 -4.15 -31.47
C LYS B 96 -14.75 -5.61 -31.00
N GLY B 97 -15.83 -6.38 -31.05
CA GLY B 97 -15.80 -7.75 -30.56
C GLY B 97 -16.01 -7.89 -29.08
N LEU B 98 -16.46 -6.82 -28.41
CA LEU B 98 -16.66 -6.81 -26.97
C LEU B 98 -18.15 -6.85 -26.65
N LYS B 99 -18.45 -6.95 -25.37
CA LYS B 99 -19.83 -6.91 -24.88
C LYS B 99 -19.98 -5.74 -23.91
N LEU B 100 -21.21 -5.23 -23.82
CA LEU B 100 -21.50 -4.03 -23.06
C LEU B 100 -22.29 -4.37 -21.81
N GLY B 101 -21.86 -3.84 -20.67
CA GLY B 101 -22.58 -3.96 -19.42
C GLY B 101 -23.14 -2.61 -19.00
N ILE B 102 -24.27 -2.64 -18.28
CA ILE B 102 -24.92 -1.42 -17.81
C ILE B 102 -25.35 -1.63 -16.36
N TYR B 103 -25.85 -0.55 -15.75
CA TYR B 103 -26.16 -0.50 -14.33
C TYR B 103 -27.58 0.01 -14.13
N ALA B 104 -28.27 -0.57 -13.14
CA ALA B 104 -29.56 -0.07 -12.68
C ALA B 104 -29.71 -0.41 -11.21
N ASP B 105 -30.82 0.01 -10.61
CA ASP B 105 -31.05 -0.16 -9.18
C ASP B 105 -32.45 -0.70 -8.90
N VAL B 106 -32.53 -1.62 -7.94
CA VAL B 106 -33.79 -2.29 -7.61
C VAL B 106 -34.79 -1.34 -6.99
N GLY B 107 -34.32 -0.28 -6.34
CA GLY B 107 -35.17 0.62 -5.58
C GLY B 107 -35.70 1.77 -6.40
N ASN B 108 -36.00 2.86 -5.71
CA ASN B 108 -36.59 4.03 -6.36
C ASN B 108 -35.54 4.93 -7.01
N LYS B 109 -34.29 4.90 -6.53
CA LYS B 109 -33.20 5.65 -7.14
C LYS B 109 -31.93 4.81 -7.11
N THR B 110 -31.03 5.07 -8.05
CA THR B 110 -29.70 4.47 -7.96
C THR B 110 -28.96 5.07 -6.79
N CYS B 111 -27.86 4.41 -6.38
CA CYS B 111 -27.13 4.89 -5.21
C CYS B 111 -26.69 6.33 -5.37
N ALA B 112 -26.43 6.77 -6.61
CA ALA B 112 -26.06 8.14 -6.89
C ALA B 112 -27.25 9.05 -7.09
N GLY B 113 -28.47 8.54 -6.99
CA GLY B 113 -29.65 9.37 -7.00
C GLY B 113 -30.37 9.47 -8.33
N PHE B 114 -30.02 8.64 -9.30
CA PHE B 114 -30.64 8.66 -10.61
C PHE B 114 -31.80 7.68 -10.67
N PRO B 115 -32.63 7.71 -11.74
CA PRO B 115 -33.85 6.88 -11.77
C PRO B 115 -33.67 5.41 -11.40
N GLY B 116 -34.39 4.96 -10.36
CA GLY B 116 -34.45 3.55 -10.05
C GLY B 116 -35.37 2.80 -10.99
N SER B 117 -35.30 1.47 -10.93
CA SER B 117 -36.04 0.61 -11.84
C SER B 117 -37.30 0.03 -11.23
N PHE B 118 -37.53 0.25 -9.94
CA PHE B 118 -38.75 -0.22 -9.29
C PHE B 118 -39.98 0.35 -9.99
N GLY B 119 -40.94 -0.52 -10.29
CA GLY B 119 -42.11 -0.13 -11.04
C GLY B 119 -41.92 -0.19 -12.54
N TYR B 120 -40.68 -0.41 -13.00
CA TYR B 120 -40.36 -0.40 -14.42
C TYR B 120 -39.54 -1.62 -14.82
N TYR B 121 -39.52 -2.66 -13.98
CA TYR B 121 -38.61 -3.79 -14.18
C TYR B 121 -38.71 -4.36 -15.59
N ASP B 122 -39.94 -4.57 -16.07
CA ASP B 122 -40.10 -5.22 -17.37
C ASP B 122 -39.71 -4.29 -18.51
N ILE B 123 -40.16 -3.02 -18.46
CA ILE B 123 -39.80 -2.09 -19.51
C ILE B 123 -38.30 -1.77 -19.46
N ASP B 124 -37.72 -1.67 -18.26
CA ASP B 124 -36.28 -1.41 -18.20
C ASP B 124 -35.48 -2.60 -18.74
N ALA B 125 -35.87 -3.82 -18.39
CA ALA B 125 -35.23 -4.99 -18.98
C ALA B 125 -35.33 -4.95 -20.50
N GLN B 126 -36.53 -4.64 -21.01
CA GLN B 126 -36.74 -4.59 -22.45
C GLN B 126 -35.93 -3.47 -23.09
N THR B 127 -35.88 -2.31 -22.44
CA THR B 127 -35.05 -1.20 -22.91
C THR B 127 -33.60 -1.63 -23.06
N PHE B 128 -33.04 -2.25 -22.03
CA PHE B 128 -31.66 -2.71 -22.10
C PHE B 128 -31.49 -3.68 -23.26
N ALA B 129 -32.43 -4.63 -23.40
CA ALA B 129 -32.34 -5.64 -24.45
C ALA B 129 -32.40 -5.00 -25.84
N ASP B 130 -33.31 -4.04 -26.02
CA ASP B 130 -33.41 -3.31 -27.28
C ASP B 130 -32.09 -2.59 -27.58
N TRP B 131 -31.48 -2.00 -26.54
CA TRP B 131 -30.23 -1.28 -26.71
C TRP B 131 -29.06 -2.18 -27.06
N GLY B 132 -29.21 -3.49 -26.87
CA GLY B 132 -28.10 -4.40 -27.12
C GLY B 132 -27.22 -4.66 -25.92
N VAL B 133 -27.69 -4.35 -24.70
CA VAL B 133 -26.91 -4.60 -23.50
C VAL B 133 -26.69 -6.09 -23.31
N ASP B 134 -25.49 -6.46 -22.87
CA ASP B 134 -25.13 -7.86 -22.65
C ASP B 134 -24.94 -8.22 -21.18
N LEU B 135 -24.97 -7.25 -20.27
CA LEU B 135 -24.78 -7.49 -18.85
C LEU B 135 -25.46 -6.38 -18.08
N LEU B 136 -26.07 -6.74 -16.95
CA LEU B 136 -26.70 -5.78 -16.06
C LEU B 136 -26.16 -5.95 -14.65
N LYS B 137 -25.61 -4.87 -14.10
CA LYS B 137 -25.29 -4.79 -12.68
C LYS B 137 -26.48 -4.11 -12.00
N PHE B 138 -27.08 -4.80 -11.04
CA PHE B 138 -28.34 -4.33 -10.44
C PHE B 138 -28.10 -4.00 -8.98
N ASP B 139 -28.12 -2.72 -8.66
CA ASP B 139 -27.78 -2.24 -7.32
C ASP B 139 -28.99 -2.28 -6.39
N GLY B 140 -28.73 -2.09 -5.10
CA GLY B 140 -29.78 -2.23 -4.11
C GLY B 140 -30.12 -1.01 -3.27
N CYS B 141 -29.76 0.19 -3.73
CA CYS B 141 -30.00 1.37 -2.91
C CYS B 141 -31.47 1.77 -2.94
N TYR B 142 -31.86 2.56 -1.94
CA TYR B 142 -33.20 3.16 -1.85
C TYR B 142 -34.28 2.09 -1.91
N CYS B 143 -34.04 1.02 -1.15
CA CYS B 143 -34.99 -0.07 -1.00
C CYS B 143 -34.81 -0.59 0.42
N ASP B 144 -35.59 -0.05 1.34
CA ASP B 144 -35.38 -0.30 2.76
C ASP B 144 -36.28 -1.40 3.31
N SER B 145 -36.98 -2.12 2.44
CA SER B 145 -37.82 -3.23 2.84
C SER B 145 -37.26 -4.51 2.22
N LEU B 146 -37.06 -5.53 3.06
CA LEU B 146 -36.49 -6.79 2.60
C LEU B 146 -37.34 -7.43 1.51
N GLU B 147 -38.67 -7.37 1.66
CA GLU B 147 -39.55 -7.95 0.66
C GLU B 147 -39.39 -7.25 -0.67
N ASN B 148 -39.33 -5.91 -0.66
CA ASN B 148 -39.08 -5.18 -1.89
C ASN B 148 -37.78 -5.60 -2.53
N LEU B 149 -36.72 -5.73 -1.74
CA LEU B 149 -35.41 -6.12 -2.27
C LEU B 149 -35.48 -7.48 -2.97
N ALA B 150 -35.97 -8.50 -2.25
CA ALA B 150 -36.01 -9.85 -2.81
C ALA B 150 -36.92 -9.91 -4.03
N ASP B 151 -38.13 -9.34 -3.92
CA ASP B 151 -39.07 -9.37 -5.04
C ASP B 151 -38.50 -8.66 -6.25
N GLY B 152 -37.83 -7.52 -6.02
CA GLY B 152 -37.27 -6.78 -7.14
C GLY B 152 -36.17 -7.55 -7.85
N TYR B 153 -35.25 -8.15 -7.09
CA TYR B 153 -34.18 -8.91 -7.72
C TYR B 153 -34.73 -10.08 -8.52
N LYS B 154 -35.68 -10.83 -7.93
CA LYS B 154 -36.27 -11.95 -8.66
C LYS B 154 -37.03 -11.47 -9.89
N HIS B 155 -37.80 -10.40 -9.73
CA HIS B 155 -38.58 -9.83 -10.82
C HIS B 155 -37.68 -9.42 -11.98
N MET B 156 -36.60 -8.69 -11.68
CA MET B 156 -35.69 -8.25 -12.73
C MET B 156 -35.04 -9.44 -13.43
N SER B 157 -34.70 -10.48 -12.66
CA SER B 157 -34.15 -11.69 -13.28
C SER B 157 -35.13 -12.26 -14.30
N LEU B 158 -36.39 -12.42 -13.88
CA LEU B 158 -37.40 -12.98 -14.78
C LEU B 158 -37.69 -12.06 -15.95
N ALA B 159 -37.71 -10.74 -15.71
CA ALA B 159 -37.97 -9.78 -16.79
C ALA B 159 -36.88 -9.83 -17.85
N LEU B 160 -35.61 -9.87 -17.41
CA LEU B 160 -34.51 -10.06 -18.35
C LEU B 160 -34.67 -11.34 -19.13
N ASN B 161 -35.06 -12.43 -18.45
CA ASN B 161 -35.33 -13.69 -19.14
C ASN B 161 -36.37 -13.49 -20.24
N ARG B 162 -37.45 -12.78 -19.95
CA ARG B 162 -38.57 -12.68 -20.88
C ARG B 162 -38.16 -11.97 -22.17
N THR B 163 -37.18 -11.08 -22.10
CA THR B 163 -36.70 -10.40 -23.30
C THR B 163 -36.10 -11.37 -24.32
N GLY B 164 -35.69 -12.56 -23.90
CA GLY B 164 -35.07 -13.50 -24.80
C GLY B 164 -33.63 -13.19 -25.17
N ARG B 165 -33.06 -12.09 -24.69
CA ARG B 165 -31.67 -11.78 -24.97
C ARG B 165 -30.78 -12.32 -23.86
N SER B 166 -29.62 -12.85 -24.24
CA SER B 166 -28.64 -13.36 -23.30
C SER B 166 -27.96 -12.20 -22.58
N ILE B 167 -28.25 -12.05 -21.29
CA ILE B 167 -27.74 -10.94 -20.50
C ILE B 167 -27.21 -11.47 -19.17
N VAL B 168 -25.92 -11.27 -18.91
CA VAL B 168 -25.36 -11.62 -17.61
C VAL B 168 -26.00 -10.74 -16.54
N TYR B 169 -26.48 -11.37 -15.47
CA TYR B 169 -27.21 -10.68 -14.41
C TYR B 169 -26.36 -10.64 -13.15
N SER B 170 -25.85 -9.46 -12.82
CA SER B 170 -24.96 -9.25 -11.67
C SER B 170 -25.72 -8.54 -10.57
N CYS B 171 -25.81 -9.16 -9.40
CA CYS B 171 -26.68 -8.73 -8.31
C CYS B 171 -25.88 -8.28 -7.11
N GLU B 172 -26.39 -7.27 -6.40
CA GLU B 172 -25.86 -6.88 -5.10
C GLU B 172 -26.77 -7.29 -3.94
N TRP B 173 -27.78 -8.12 -4.21
CA TRP B 173 -28.79 -8.65 -3.29
C TRP B 173 -28.22 -9.08 -1.93
N PRO B 174 -27.23 -9.99 -1.88
CA PRO B 174 -26.74 -10.43 -0.56
C PRO B 174 -26.23 -9.27 0.29
N LEU B 175 -25.41 -8.39 -0.31
CA LEU B 175 -24.83 -7.28 0.43
C LEU B 175 -25.91 -6.42 1.09
N TYR B 176 -27.01 -6.19 0.37
CA TYR B 176 -28.08 -5.35 0.87
C TYR B 176 -29.00 -6.09 1.83
N MET B 177 -28.82 -7.40 1.98
CA MET B 177 -29.64 -8.13 2.95
C MET B 177 -29.11 -7.99 4.38
N TRP B 178 -27.78 -7.90 4.54
CA TRP B 178 -27.13 -7.99 5.85
C TRP B 178 -27.74 -7.09 6.92
N PRO B 179 -28.15 -5.84 6.65
CA PRO B 179 -28.84 -5.06 7.69
C PRO B 179 -30.08 -5.73 8.27
N PHE B 180 -30.70 -6.67 7.56
CA PHE B 180 -31.94 -7.28 8.02
C PHE B 180 -31.72 -8.74 8.40
N GLN B 181 -31.24 -9.56 7.47
CA GLN B 181 -31.03 -10.97 7.74
C GLN B 181 -30.02 -11.51 6.73
N LYS B 182 -29.21 -12.48 7.17
CA LYS B 182 -28.21 -13.05 6.29
C LYS B 182 -28.85 -13.84 5.15
N PRO B 183 -28.28 -13.76 3.94
CA PRO B 183 -28.91 -14.29 2.74
C PRO B 183 -29.06 -15.81 2.68
N ASN B 184 -30.06 -16.22 1.90
CA ASN B 184 -30.23 -17.59 1.42
C ASN B 184 -29.53 -17.64 0.07
N TYR B 185 -28.34 -18.24 0.04
CA TYR B 185 -27.56 -18.21 -1.19
C TYR B 185 -28.10 -19.16 -2.25
N THR B 186 -28.85 -20.20 -1.86
CA THR B 186 -29.49 -21.05 -2.86
C THR B 186 -30.49 -20.27 -3.71
N GLU B 187 -31.30 -19.42 -3.07
CA GLU B 187 -32.26 -18.59 -3.79
C GLU B 187 -31.53 -17.57 -4.69
N ILE B 188 -30.54 -16.88 -4.13
CA ILE B 188 -29.80 -15.89 -4.90
C ILE B 188 -29.14 -16.53 -6.12
N ARG B 189 -28.47 -17.67 -5.91
CA ARG B 189 -27.86 -18.38 -7.02
C ARG B 189 -28.91 -18.79 -8.04
N GLN B 190 -30.12 -19.14 -7.59
CA GLN B 190 -31.19 -19.41 -8.53
C GLN B 190 -31.45 -18.22 -9.44
N TYR B 191 -31.31 -16.99 -8.93
CA TYR B 191 -31.71 -15.84 -9.75
C TYR B 191 -30.55 -15.04 -10.37
N CYS B 192 -29.30 -15.26 -9.96
CA CYS B 192 -28.21 -14.36 -10.34
C CYS B 192 -27.00 -15.11 -10.88
N ASN B 193 -26.28 -14.48 -11.83
CA ASN B 193 -25.03 -15.04 -12.34
C ASN B 193 -23.85 -14.79 -11.41
N HIS B 194 -23.84 -13.68 -10.69
CA HIS B 194 -22.92 -13.50 -9.58
C HIS B 194 -23.47 -12.41 -8.67
N TRP B 195 -22.97 -12.40 -7.43
CA TRP B 195 -23.57 -11.58 -6.40
C TRP B 195 -22.51 -10.99 -5.48
N ARG B 196 -22.62 -9.69 -5.24
CA ARG B 196 -21.72 -9.02 -4.32
C ARG B 196 -22.05 -9.40 -2.88
N ASN B 197 -21.06 -9.83 -2.12
CA ASN B 197 -21.26 -10.27 -0.75
C ASN B 197 -20.93 -9.22 0.29
N PHE B 198 -19.99 -8.32 -0.01
CA PHE B 198 -19.31 -7.55 1.01
C PHE B 198 -19.14 -6.12 0.52
N ALA B 199 -18.69 -5.25 1.43
CA ALA B 199 -18.59 -3.82 1.18
C ALA B 199 -17.73 -3.49 -0.04
N ASP B 200 -18.05 -2.36 -0.68
CA ASP B 200 -17.30 -1.88 -1.84
C ASP B 200 -15.81 -1.86 -1.57
N ILE B 201 -15.04 -2.32 -2.55
CA ILE B 201 -13.59 -2.23 -2.47
C ILE B 201 -13.17 -0.79 -2.72
N ASP B 202 -12.03 -0.40 -2.14
CA ASP B 202 -11.40 0.83 -2.59
C ASP B 202 -9.92 0.56 -2.87
N ASP B 203 -9.16 1.61 -3.17
CA ASP B 203 -7.79 1.46 -3.65
C ASP B 203 -6.80 1.36 -2.49
N SER B 204 -6.93 0.28 -1.70
CA SER B 204 -6.14 0.18 -0.48
C SER B 204 -5.93 -1.28 -0.07
N TRP B 205 -4.79 -1.52 0.57
CA TRP B 205 -4.49 -2.83 1.14
C TRP B 205 -5.42 -3.17 2.29
N LYS B 206 -5.82 -2.16 3.07
CA LYS B 206 -6.84 -2.36 4.10
C LYS B 206 -8.08 -3.02 3.53
N SER B 207 -8.55 -2.53 2.38
CA SER B 207 -9.75 -3.04 1.73
C SER B 207 -9.57 -4.49 1.31
N ILE B 208 -8.42 -4.79 0.69
CA ILE B 208 -8.14 -6.16 0.25
C ILE B 208 -8.17 -7.10 1.44
N LYS B 209 -7.45 -6.74 2.51
CA LYS B 209 -7.44 -7.54 3.73
C LYS B 209 -8.85 -7.77 4.24
N SER B 210 -9.66 -6.71 4.31
CA SER B 210 -10.99 -6.86 4.90
C SER B 210 -11.86 -7.77 4.04
N ILE B 211 -11.75 -7.69 2.71
CA ILE B 211 -12.52 -8.58 1.84
C ILE B 211 -12.08 -10.03 2.05
N LEU B 212 -10.76 -10.26 2.07
CA LEU B 212 -10.26 -11.62 2.27
C LEU B 212 -10.69 -12.17 3.61
N ASP B 213 -10.59 -11.35 4.67
CA ASP B 213 -10.91 -11.82 6.00
C ASP B 213 -12.39 -12.13 6.14
N TRP B 214 -13.25 -11.32 5.51
CA TRP B 214 -14.68 -11.63 5.50
C TRP B 214 -14.94 -12.92 4.75
N THR B 215 -14.28 -13.11 3.60
CA THR B 215 -14.51 -14.31 2.80
C THR B 215 -14.09 -15.56 3.58
N SER B 216 -12.91 -15.53 4.20
CA SER B 216 -12.47 -16.71 4.93
C SER B 216 -13.31 -16.92 6.19
N PHE B 217 -13.77 -15.83 6.82
CA PHE B 217 -14.62 -15.98 7.99
C PHE B 217 -15.95 -16.63 7.64
N ASN B 218 -16.51 -16.28 6.49
CA ASN B 218 -17.83 -16.76 6.08
C ASN B 218 -17.74 -17.90 5.06
N GLN B 219 -16.59 -18.55 4.94
CA GLN B 219 -16.38 -19.43 3.78
C GLN B 219 -17.26 -20.67 3.84
N GLU B 220 -17.61 -21.16 5.04
CA GLU B 220 -18.49 -22.31 5.13
C GLU B 220 -19.87 -22.00 4.55
N ARG B 221 -20.26 -20.72 4.51
CA ARG B 221 -21.57 -20.35 4.01
C ARG B 221 -21.60 -20.05 2.51
N ILE B 222 -20.49 -19.65 1.90
CA ILE B 222 -20.53 -19.17 0.52
C ILE B 222 -19.74 -20.01 -0.46
N VAL B 223 -18.75 -20.81 -0.02
CA VAL B 223 -17.82 -21.41 -0.98
C VAL B 223 -18.53 -22.45 -1.84
N ASP B 224 -19.32 -23.33 -1.22
CA ASP B 224 -19.94 -24.42 -1.98
C ASP B 224 -21.08 -23.94 -2.86
N VAL B 225 -21.61 -22.74 -2.62
CA VAL B 225 -22.68 -22.23 -3.46
C VAL B 225 -22.15 -21.90 -4.86
N ALA B 226 -20.89 -21.53 -4.96
CA ALA B 226 -20.33 -21.05 -6.21
C ALA B 226 -20.11 -22.20 -7.19
N GLY B 227 -20.13 -21.87 -8.48
CA GLY B 227 -19.92 -22.82 -9.54
C GLY B 227 -20.38 -22.24 -10.86
N PRO B 228 -20.21 -23.01 -11.96
CA PRO B 228 -20.64 -22.52 -13.28
C PRO B 228 -22.04 -21.93 -13.25
N GLY B 229 -22.18 -20.67 -13.65
CA GLY B 229 -23.46 -20.00 -13.69
C GLY B 229 -23.72 -19.08 -12.51
N GLY B 230 -23.00 -19.24 -11.41
CA GLY B 230 -23.22 -18.43 -10.23
C GLY B 230 -22.00 -18.31 -9.34
N TRP B 231 -21.46 -17.10 -9.22
CA TRP B 231 -20.18 -16.87 -8.54
C TRP B 231 -20.33 -15.88 -7.41
N ASN B 232 -19.52 -16.06 -6.37
CA ASN B 232 -19.36 -15.02 -5.38
C ASN B 232 -18.56 -13.87 -5.97
N ASP B 233 -19.00 -12.64 -5.72
CA ASP B 233 -18.32 -11.48 -6.27
C ASP B 233 -17.67 -10.66 -5.16
N PRO B 234 -16.36 -10.77 -4.96
CA PRO B 234 -15.68 -9.97 -3.92
C PRO B 234 -15.30 -8.56 -4.37
N ASP B 235 -15.81 -8.13 -5.52
CA ASP B 235 -15.68 -6.78 -6.08
C ASP B 235 -14.46 -6.65 -6.98
N MET B 236 -14.23 -5.44 -7.50
CA MET B 236 -13.38 -5.24 -8.67
C MET B 236 -11.91 -5.44 -8.35
N LEU B 237 -11.16 -5.84 -9.39
CA LEU B 237 -9.70 -5.73 -9.36
C LEU B 237 -9.29 -4.28 -9.41
N VAL B 238 -8.41 -3.87 -8.51
CA VAL B 238 -7.93 -2.49 -8.49
C VAL B 238 -6.44 -2.42 -8.78
N ILE B 239 -5.88 -3.50 -9.32
CA ILE B 239 -4.50 -3.48 -9.81
C ILE B 239 -4.38 -2.43 -10.91
N GLY B 240 -3.26 -1.70 -10.90
CA GLY B 240 -3.02 -0.67 -11.88
C GLY B 240 -3.39 0.73 -11.45
N ASN B 241 -3.93 0.90 -10.25
CA ASN B 241 -4.30 2.21 -9.73
C ASN B 241 -3.16 2.72 -8.84
N PHE B 242 -3.40 3.12 -7.58
CA PHE B 242 -2.44 3.92 -6.84
C PHE B 242 -2.11 3.42 -5.44
N GLY B 243 -3.00 2.64 -4.80
CA GLY B 243 -2.87 2.38 -3.38
C GLY B 243 -2.23 1.08 -2.99
N LEU B 244 -1.97 0.20 -3.96
CA LEU B 244 -1.43 -1.12 -3.69
C LEU B 244 0.04 -1.19 -4.10
N SER B 245 0.88 -1.70 -3.21
CA SER B 245 2.23 -2.05 -3.58
C SER B 245 2.20 -3.23 -4.53
N TRP B 246 3.33 -3.48 -5.19
CA TRP B 246 3.42 -4.60 -6.13
C TRP B 246 3.00 -5.92 -5.48
N ASN B 247 3.48 -6.17 -4.26
CA ASN B 247 3.14 -7.41 -3.58
C ASN B 247 1.66 -7.46 -3.21
N GLN B 248 1.06 -6.32 -2.89
CA GLN B 248 -0.36 -6.29 -2.59
C GLN B 248 -1.19 -6.54 -3.85
N GLN B 249 -0.71 -6.05 -5.01
CA GLN B 249 -1.37 -6.33 -6.28
C GLN B 249 -1.30 -7.82 -6.60
N VAL B 250 -0.12 -8.42 -6.40
CA VAL B 250 0.04 -9.85 -6.59
C VAL B 250 -0.92 -10.62 -5.70
N THR B 251 -1.01 -10.22 -4.43
CA THR B 251 -1.95 -10.87 -3.53
C THR B 251 -3.37 -10.80 -4.06
N GLN B 252 -3.80 -9.64 -4.56
CA GLN B 252 -5.17 -9.55 -5.07
C GLN B 252 -5.39 -10.45 -6.28
N MET B 253 -4.46 -10.41 -7.25
CA MET B 253 -4.61 -11.25 -8.43
C MET B 253 -4.66 -12.73 -8.05
N ALA B 254 -3.69 -13.17 -7.24
CA ALA B 254 -3.62 -14.57 -6.86
C ALA B 254 -4.89 -15.02 -6.15
N LEU B 255 -5.41 -14.19 -5.24
CA LEU B 255 -6.53 -14.67 -4.45
C LEU B 255 -7.85 -14.51 -5.17
N TRP B 256 -7.98 -13.55 -6.09
CA TRP B 256 -9.16 -13.54 -6.93
C TRP B 256 -9.17 -14.76 -7.86
N ALA B 257 -8.00 -15.26 -8.22
CA ALA B 257 -7.95 -16.53 -8.93
C ALA B 257 -8.39 -17.68 -8.02
N ILE B 258 -7.88 -17.69 -6.78
CA ILE B 258 -8.26 -18.74 -5.83
C ILE B 258 -9.77 -18.77 -5.62
N MET B 259 -10.40 -17.59 -5.52
CA MET B 259 -11.80 -17.50 -5.12
C MET B 259 -12.79 -17.67 -6.27
N ALA B 260 -12.33 -18.00 -7.46
CA ALA B 260 -13.21 -18.10 -8.63
C ALA B 260 -14.06 -16.84 -8.74
N ALA B 261 -13.43 -15.70 -8.57
CA ALA B 261 -14.11 -14.43 -8.59
C ALA B 261 -14.26 -13.93 -10.03
N PRO B 262 -15.34 -13.22 -10.32
CA PRO B 262 -15.35 -12.43 -11.56
C PRO B 262 -14.18 -11.48 -11.54
N LEU B 263 -13.55 -11.29 -12.70
CA LEU B 263 -12.41 -10.40 -12.83
C LEU B 263 -12.87 -9.15 -13.58
N PHE B 264 -13.36 -8.18 -12.82
CA PHE B 264 -13.70 -6.87 -13.37
C PHE B 264 -12.62 -5.88 -12.97
N MET B 265 -11.75 -5.52 -13.92
CA MET B 265 -10.79 -4.46 -13.67
C MET B 265 -11.49 -3.12 -13.48
N SER B 266 -11.01 -2.31 -12.56
CA SER B 266 -11.45 -0.92 -12.47
C SER B 266 -10.19 -0.07 -12.39
N ASN B 267 -9.75 0.42 -13.55
CA ASN B 267 -8.51 1.16 -13.68
C ASN B 267 -8.65 2.05 -14.92
N ASP B 268 -7.56 2.72 -15.29
CA ASP B 268 -7.52 3.50 -16.52
C ASP B 268 -6.55 2.80 -17.47
N LEU B 269 -7.10 2.11 -18.48
CA LEU B 269 -6.27 1.38 -19.42
C LEU B 269 -5.36 2.30 -20.24
N ARG B 270 -5.64 3.61 -20.25
CA ARG B 270 -4.81 4.56 -20.96
C ARG B 270 -3.52 4.89 -20.21
N HIS B 271 -3.50 4.70 -18.88
CA HIS B 271 -2.35 5.04 -18.04
C HIS B 271 -2.18 3.88 -17.06
N ILE B 272 -1.50 2.83 -17.50
CA ILE B 272 -1.29 1.66 -16.66
C ILE B 272 0.14 1.17 -16.87
N SER B 273 0.82 0.84 -15.78
CA SER B 273 2.22 0.45 -15.87
C SER B 273 2.36 -0.89 -16.58
N PRO B 274 3.51 -1.12 -17.24
CA PRO B 274 3.74 -2.43 -17.86
C PRO B 274 3.64 -3.59 -16.89
N GLN B 275 4.14 -3.39 -15.67
CA GLN B 275 4.13 -4.45 -14.66
C GLN B 275 2.70 -4.83 -14.27
N ALA B 276 1.86 -3.83 -14.02
CA ALA B 276 0.46 -4.09 -13.66
C ALA B 276 -0.26 -4.77 -14.81
N LYS B 277 -0.02 -4.32 -16.04
CA LYS B 277 -0.66 -4.93 -17.20
C LYS B 277 -0.26 -6.39 -17.33
N ALA B 278 1.03 -6.69 -17.17
CA ALA B 278 1.49 -8.08 -17.28
C ALA B 278 0.87 -8.94 -16.19
N LEU B 279 0.72 -8.41 -14.98
CA LEU B 279 0.06 -9.17 -13.93
C LEU B 279 -1.40 -9.45 -14.28
N LEU B 280 -2.13 -8.41 -14.71
CA LEU B 280 -3.54 -8.57 -15.03
C LEU B 280 -3.77 -9.46 -16.24
N GLN B 281 -2.79 -9.57 -17.14
CA GLN B 281 -2.89 -10.41 -18.31
C GLN B 281 -2.16 -11.73 -18.15
N ASP B 282 -1.71 -12.06 -16.93
CA ASP B 282 -0.99 -13.30 -16.66
C ASP B 282 -1.81 -14.51 -17.07
N LYS B 283 -1.36 -15.18 -18.15
CA LYS B 283 -2.11 -16.29 -18.75
C LYS B 283 -2.40 -17.41 -17.77
N ASP B 284 -1.39 -17.82 -16.99
CA ASP B 284 -1.54 -18.96 -16.09
C ASP B 284 -2.46 -18.65 -14.91
N VAL B 285 -2.38 -17.43 -14.38
CA VAL B 285 -3.25 -17.06 -13.27
C VAL B 285 -4.69 -16.93 -13.75
N ILE B 286 -4.89 -16.29 -14.91
CA ILE B 286 -6.22 -16.25 -15.49
C ILE B 286 -6.75 -17.66 -15.70
N ALA B 287 -5.89 -18.56 -16.18
CA ALA B 287 -6.32 -19.93 -16.42
C ALA B 287 -6.76 -20.59 -15.12
N ILE B 288 -6.11 -20.27 -14.00
CA ILE B 288 -6.61 -20.77 -12.72
C ILE B 288 -7.99 -20.19 -12.45
N ASN B 289 -8.13 -18.87 -12.58
CA ASN B 289 -9.43 -18.25 -12.32
C ASN B 289 -10.53 -18.86 -13.19
N GLN B 290 -10.21 -19.17 -14.44
CA GLN B 290 -11.17 -19.63 -15.44
C GLN B 290 -11.26 -21.16 -15.52
N ASP B 291 -10.77 -21.86 -14.50
CA ASP B 291 -10.74 -23.32 -14.55
C ASP B 291 -12.14 -23.90 -14.80
N PRO B 292 -12.32 -24.74 -15.81
CA PRO B 292 -13.67 -25.23 -16.15
C PRO B 292 -14.38 -25.97 -15.02
N LEU B 293 -13.63 -26.57 -14.08
CA LEU B 293 -14.28 -27.24 -12.95
C LEU B 293 -15.14 -26.27 -12.15
N GLY B 294 -14.70 -25.02 -12.00
CA GLY B 294 -15.52 -24.00 -11.37
C GLY B 294 -15.80 -24.22 -9.91
N LYS B 295 -14.85 -24.79 -9.17
CA LYS B 295 -14.98 -24.97 -7.73
C LYS B 295 -14.19 -23.88 -7.03
N GLN B 296 -14.87 -23.11 -6.18
CA GLN B 296 -14.21 -22.00 -5.51
C GLN B 296 -13.24 -22.52 -4.46
N GLY B 297 -12.09 -21.84 -4.34
CA GLY B 297 -11.12 -22.16 -3.32
C GLY B 297 -11.51 -21.67 -1.94
N TYR B 298 -10.62 -21.87 -0.98
CA TYR B 298 -10.95 -21.60 0.41
C TYR B 298 -9.65 -21.43 1.20
N GLN B 299 -9.79 -20.90 2.41
CA GLN B 299 -8.64 -20.78 3.30
C GLN B 299 -8.41 -22.12 3.99
N LEU B 300 -7.24 -22.70 3.77
CA LEU B 300 -6.91 -23.99 4.37
C LEU B 300 -6.33 -23.81 5.77
N ARG B 301 -5.47 -22.81 5.94
CA ARG B 301 -4.71 -22.65 7.16
C ARG B 301 -4.56 -21.18 7.48
N GLN B 302 -4.40 -20.88 8.76
CA GLN B 302 -4.15 -19.51 9.18
C GLN B 302 -3.47 -19.54 10.54
N GLY B 303 -2.37 -18.80 10.67
CA GLY B 303 -1.64 -18.72 11.92
C GLY B 303 -0.28 -18.07 11.78
N ASP B 304 0.20 -17.42 12.84
CA ASP B 304 1.51 -16.77 12.85
C ASP B 304 1.62 -15.74 11.71
N ASN B 305 0.52 -15.06 11.44
CA ASN B 305 0.45 -14.06 10.36
C ASN B 305 0.75 -14.67 9.00
N PHE B 306 0.44 -15.95 8.84
CA PHE B 306 0.46 -16.63 7.56
C PHE B 306 -0.95 -17.10 7.23
N GLU B 307 -1.27 -17.11 5.94
CA GLU B 307 -2.49 -17.75 5.46
C GLU B 307 -2.15 -18.70 4.33
N VAL B 308 -2.82 -19.85 4.29
CA VAL B 308 -2.72 -20.79 3.18
C VAL B 308 -4.12 -21.00 2.63
N TRP B 309 -4.28 -20.72 1.35
CA TRP B 309 -5.50 -20.95 0.61
C TRP B 309 -5.22 -21.97 -0.50
N GLU B 310 -6.24 -22.71 -0.89
CA GLU B 310 -6.08 -23.61 -2.03
C GLU B 310 -7.40 -23.71 -2.79
N ARG B 311 -7.29 -24.08 -4.06
CA ARG B 311 -8.43 -24.24 -4.93
C ARG B 311 -8.23 -25.51 -5.76
N PRO B 312 -9.19 -26.42 -5.73
CA PRO B 312 -9.12 -27.60 -6.60
C PRO B 312 -9.40 -27.21 -8.05
N LEU B 313 -8.60 -27.77 -8.96
CA LEU B 313 -8.74 -27.49 -10.38
C LEU B 313 -9.13 -28.77 -11.11
N SER B 314 -9.46 -28.61 -12.39
CA SER B 314 -9.74 -29.75 -13.24
C SER B 314 -8.54 -30.68 -13.28
N GLY B 315 -8.83 -31.98 -13.42
CA GLY B 315 -7.78 -32.96 -13.65
C GLY B 315 -6.81 -33.14 -12.52
N LEU B 316 -7.29 -33.14 -11.27
CA LEU B 316 -6.48 -33.44 -10.09
C LEU B 316 -5.38 -32.40 -9.85
N ALA B 317 -5.47 -31.23 -10.46
CA ALA B 317 -4.53 -30.16 -10.17
C ALA B 317 -5.08 -29.26 -9.07
N TRP B 318 -4.17 -28.53 -8.41
CA TRP B 318 -4.55 -27.57 -7.37
C TRP B 318 -3.76 -26.28 -7.49
N ALA B 319 -4.39 -25.18 -7.09
CA ALA B 319 -3.68 -23.93 -6.90
C ALA B 319 -3.56 -23.69 -5.39
N VAL B 320 -2.39 -23.23 -4.96
CA VAL B 320 -2.12 -22.96 -3.55
C VAL B 320 -1.54 -21.56 -3.42
N ALA B 321 -2.11 -20.77 -2.54
CA ALA B 321 -1.63 -19.41 -2.30
C ALA B 321 -1.21 -19.29 -0.85
N MET B 322 -0.04 -18.70 -0.63
CA MET B 322 0.47 -18.50 0.72
C MET B 322 0.70 -17.01 0.90
N ILE B 323 0.02 -16.42 1.88
CA ILE B 323 0.05 -14.99 2.14
C ILE B 323 0.83 -14.75 3.42
N ASN B 324 1.67 -13.71 3.39
CA ASN B 324 2.39 -13.23 4.57
C ASN B 324 1.71 -11.94 5.02
N ARG B 325 1.00 -12.01 6.15
CA ARG B 325 0.25 -10.88 6.66
C ARG B 325 1.05 -10.04 7.65
N GLN B 326 2.30 -10.40 7.93
CA GLN B 326 3.15 -9.59 8.80
C GLN B 326 3.67 -8.40 8.00
N GLU B 327 3.33 -7.19 8.43
CA GLU B 327 3.64 -5.99 7.65
C GLU B 327 4.88 -5.29 8.17
N ILE B 328 5.89 -6.06 8.54
CA ILE B 328 7.17 -5.54 8.98
C ILE B 328 8.23 -6.57 8.65
N GLY B 329 9.47 -6.13 8.52
CA GLY B 329 10.55 -7.08 8.26
C GLY B 329 10.68 -7.43 6.79
N GLY B 330 11.19 -8.63 6.54
CA GLY B 330 11.50 -9.09 5.21
C GLY B 330 10.78 -10.38 4.88
N PRO B 331 11.17 -11.03 3.78
CA PRO B 331 10.53 -12.29 3.39
C PRO B 331 10.63 -13.32 4.51
N ARG B 332 9.51 -13.99 4.77
CA ARG B 332 9.44 -14.98 5.84
C ARG B 332 9.33 -16.37 5.24
N SER B 333 10.07 -17.31 5.80
CA SER B 333 10.02 -18.68 5.32
C SER B 333 8.76 -19.35 5.85
N TYR B 334 8.15 -20.18 5.01
CA TYR B 334 7.01 -20.99 5.37
C TYR B 334 7.21 -22.36 4.76
N THR B 335 6.99 -23.41 5.55
CA THR B 335 7.10 -24.77 5.04
C THR B 335 5.84 -25.54 5.38
N ILE B 336 5.47 -26.45 4.48
CA ILE B 336 4.27 -27.26 4.68
C ILE B 336 4.46 -28.61 4.00
N ALA B 337 3.96 -29.66 4.63
CA ALA B 337 3.98 -30.98 4.00
C ALA B 337 3.06 -30.98 2.80
N VAL B 338 3.56 -31.47 1.66
CA VAL B 338 2.74 -31.46 0.46
C VAL B 338 1.53 -32.37 0.62
N ALA B 339 1.62 -33.35 1.53
CA ALA B 339 0.47 -34.20 1.84
C ALA B 339 -0.67 -33.41 2.48
N SER B 340 -0.37 -32.26 3.09
CA SER B 340 -1.42 -31.42 3.67
C SER B 340 -2.17 -30.62 2.62
N LEU B 341 -1.65 -30.55 1.40
CA LEU B 341 -2.27 -29.77 0.34
C LEU B 341 -3.21 -30.63 -0.47
N GLY B 342 -4.22 -30.00 -1.06
CA GLY B 342 -5.13 -30.69 -1.97
C GLY B 342 -5.80 -31.89 -1.34
N LYS B 343 -6.09 -31.83 -0.04
CA LYS B 343 -6.74 -32.92 0.69
C LYS B 343 -5.94 -34.21 0.65
N GLY B 344 -4.62 -34.11 0.49
CA GLY B 344 -3.80 -35.30 0.42
C GLY B 344 -3.82 -35.98 -0.93
N VAL B 345 -4.47 -35.36 -1.92
CA VAL B 345 -4.61 -35.94 -3.24
C VAL B 345 -3.71 -35.29 -4.27
N ALA B 346 -3.36 -34.01 -4.10
CA ALA B 346 -2.66 -33.28 -5.13
C ALA B 346 -1.31 -33.94 -5.46
N CYS B 347 -0.61 -34.44 -4.45
CA CYS B 347 0.74 -34.93 -4.62
C CYS B 347 0.86 -36.42 -4.30
N ASN B 348 -0.21 -37.17 -4.55
CA ASN B 348 -0.24 -38.61 -4.33
C ASN B 348 -0.34 -39.33 -5.67
N PRO B 349 0.69 -40.07 -6.12
CA PRO B 349 1.97 -40.35 -5.45
C PRO B 349 2.95 -39.19 -5.58
N ALA B 350 2.77 -38.31 -6.57
CA ALA B 350 3.66 -37.17 -6.68
C ALA B 350 2.91 -36.02 -7.34
N CYS B 351 3.53 -34.86 -7.30
CA CYS B 351 3.05 -33.69 -8.02
C CYS B 351 4.25 -32.92 -8.54
N PHE B 352 4.05 -32.28 -9.68
CA PHE B 352 4.98 -31.27 -10.18
C PHE B 352 4.44 -29.90 -9.78
N ILE B 353 5.30 -29.09 -9.16
CA ILE B 353 4.91 -27.80 -8.60
C ILE B 353 5.56 -26.69 -9.43
N THR B 354 4.73 -25.78 -9.92
CA THR B 354 5.20 -24.61 -10.65
C THR B 354 4.78 -23.38 -9.86
N GLN B 355 5.74 -22.57 -9.43
CA GLN B 355 5.39 -21.27 -8.89
C GLN B 355 4.96 -20.36 -10.04
N LEU B 356 3.85 -19.66 -9.85
CA LEU B 356 3.35 -18.70 -10.83
C LEU B 356 3.55 -17.25 -10.39
N LEU B 357 3.43 -16.96 -9.10
CA LEU B 357 3.59 -15.61 -8.59
C LEU B 357 4.45 -15.65 -7.33
N PRO B 358 5.25 -14.60 -7.07
CA PRO B 358 5.41 -13.36 -7.83
C PRO B 358 6.09 -13.53 -9.19
N VAL B 359 6.86 -14.60 -9.39
CA VAL B 359 7.49 -14.90 -10.67
C VAL B 359 7.25 -16.37 -10.99
N LYS B 360 7.27 -16.69 -12.29
CA LYS B 360 7.05 -18.05 -12.73
C LYS B 360 8.35 -18.84 -12.70
N ARG B 361 8.35 -19.95 -11.96
CA ARG B 361 9.51 -20.80 -11.82
C ARG B 361 9.09 -22.24 -11.58
N LYS B 362 9.62 -23.17 -12.36
CA LYS B 362 9.41 -24.57 -12.07
C LYS B 362 10.13 -24.93 -10.78
N LEU B 363 9.42 -25.56 -9.83
CA LEU B 363 10.05 -26.00 -8.59
C LEU B 363 10.42 -27.47 -8.60
N GLY B 364 9.77 -28.27 -9.43
CA GLY B 364 10.16 -29.66 -9.62
C GLY B 364 9.13 -30.64 -9.08
N PHE B 365 9.55 -31.90 -9.03
CA PHE B 365 8.70 -33.00 -8.55
C PHE B 365 8.78 -33.07 -7.02
N TYR B 366 7.63 -33.21 -6.38
CA TYR B 366 7.53 -33.38 -4.94
C TYR B 366 6.74 -34.65 -4.68
N GLU B 367 7.38 -35.59 -3.98
CA GLU B 367 6.71 -36.84 -3.67
C GLU B 367 5.76 -36.66 -2.50
N TRP B 368 4.79 -37.57 -2.37
CA TRP B 368 3.73 -37.41 -1.37
C TRP B 368 4.27 -37.14 0.03
N THR B 369 5.45 -37.66 0.36
CA THR B 369 6.01 -37.48 1.70
C THR B 369 6.83 -36.21 1.85
N SER B 370 7.08 -35.46 0.78
CA SER B 370 8.05 -34.38 0.81
C SER B 370 7.45 -33.11 1.40
N ARG B 371 8.31 -32.11 1.64
CA ARG B 371 7.91 -30.82 2.18
C ARG B 371 8.19 -29.71 1.18
N LEU B 372 7.25 -28.77 1.08
CA LEU B 372 7.38 -27.57 0.27
C LEU B 372 7.86 -26.42 1.15
N ARG B 373 8.98 -25.81 0.79
CA ARG B 373 9.56 -24.70 1.53
C ARG B 373 9.54 -23.47 0.62
N SER B 374 9.11 -22.34 1.15
CA SER B 374 8.94 -21.14 0.35
C SER B 374 9.24 -19.92 1.20
N HIS B 375 9.52 -18.79 0.53
CA HIS B 375 9.70 -17.51 1.20
C HIS B 375 8.67 -16.52 0.65
N ILE B 376 7.99 -15.80 1.54
CA ILE B 376 6.88 -14.93 1.15
C ILE B 376 7.14 -13.51 1.66
N ASN B 377 7.02 -12.54 0.75
CA ASN B 377 7.20 -11.13 1.08
C ASN B 377 6.08 -10.62 1.96
N PRO B 378 6.38 -9.67 2.86
CA PRO B 378 5.32 -8.96 3.60
C PRO B 378 4.22 -8.42 2.69
N THR B 379 2.98 -8.79 2.99
CA THR B 379 1.76 -8.46 2.24
C THR B 379 1.73 -9.09 0.85
N GLY B 380 2.71 -9.93 0.52
CA GLY B 380 2.71 -10.64 -0.73
C GLY B 380 2.13 -12.04 -0.62
N THR B 381 2.08 -12.69 -1.77
CA THR B 381 1.53 -14.03 -1.89
C THR B 381 2.42 -14.82 -2.83
N VAL B 382 2.65 -16.09 -2.49
CA VAL B 382 3.25 -17.04 -3.41
C VAL B 382 2.12 -17.92 -3.92
N LEU B 383 1.93 -17.91 -5.24
CA LEU B 383 0.90 -18.69 -5.90
C LEU B 383 1.58 -19.85 -6.62
N LEU B 384 1.11 -21.06 -6.35
CA LEU B 384 1.70 -22.28 -6.88
C LEU B 384 0.62 -23.08 -7.57
N GLN B 385 1.04 -23.85 -8.57
CA GLN B 385 0.18 -24.81 -9.24
C GLN B 385 0.78 -26.19 -9.06
N LEU B 386 -0.05 -27.12 -8.60
CA LEU B 386 0.32 -28.50 -8.34
C LEU B 386 -0.35 -29.36 -9.40
N GLU B 387 0.44 -30.16 -10.10
CA GLU B 387 -0.06 -31.10 -11.09
C GLU B 387 0.18 -32.50 -10.57
N ASN B 388 -0.88 -33.27 -10.40
CA ASN B 388 -0.74 -34.64 -9.95
C ASN B 388 0.01 -35.44 -11.01
N THR B 389 0.88 -36.34 -10.56
CA THR B 389 1.73 -37.08 -11.48
C THR B 389 2.21 -38.38 -10.83
N MET B 390 2.40 -39.37 -11.69
CA MET B 390 3.00 -40.65 -11.36
C MET B 390 4.52 -40.65 -11.54
N GLN B 391 5.07 -39.62 -12.16
CA GLN B 391 6.48 -39.58 -12.50
C GLN B 391 7.30 -39.10 -11.30
N MET B 392 8.63 -39.10 -11.47
CA MET B 392 9.63 -38.81 -10.42
C MET B 392 9.18 -37.86 -9.31
#